data_9VCI
#
_entry.id   9VCI
#
_cell.length_a   61.495
_cell.length_b   79.532
_cell.length_c   77.651
_cell.angle_alpha   90.00
_cell.angle_beta   105.82
_cell.angle_gamma   90.00
#
_symmetry.space_group_name_H-M   'P 1 21 1'
#
loop_
_entity.id
_entity.type
_entity.pdbx_description
1 polymer 'Tryptophan--tRNA ligase'
2 non-polymer ~{N}-[[5-[4-(6-azanyl-8-oxidanylidene-9-piperidin-4-yl-purin-7-yl)phenoxy]-2-fluoranyl-4-oxidanyl-phenyl]methyl]ethanamide
3 non-polymer 'SULFATE ION'
4 non-polymer CHLORZOXAZONE
5 non-polymer "TRYPTOPHANYL-5'AMP"
6 water water
#
_entity_poly.entity_id   1
_entity_poly.type   'polypeptide(L)'
_entity_poly.pdbx_seq_one_letter_code
;MTKPIVFSGAQPSGELTIGNYMGALRQWVNMQDDYHCIYCIVDQHAITVRQDAQKLRKATLDTLALYLACGIDPEKSTIF
VQSHVPEHAQLGWALNCYTYFGELSRMTQFKDKSARYAENINAGLFDYPVLMAADILLYQTNLVPVGEDQKQHLELSRDI
AQRFNALYGEIFKVPEPFIPKSGARVMSLLEPTKKMSKSDDNRNNVIGLLEDPKSVVKKIKRAVTDSDEPPVVRYDVQNK
AGVSNLLDILSAVTGQSIPELEKQFEGKMYGHLKGEVADAVSGMLTELQERYHRFRNDEAFLQQVMKDGAEKASAHASRT
LKAVYEAIGFVAKRHHHHHH
;
_entity_poly.pdbx_strand_id   A,B
#
loop_
_chem_comp.id
_chem_comp.type
_chem_comp.name
_chem_comp.formula
A1ERR non-polymer ~{N}-[[5-[4-(6-azanyl-8-oxidanylidene-9-piperidin-4-yl-purin-7-yl)phenoxy]-2-fluoranyl-4-oxidanyl-phenyl]methyl]ethanamide 'C25 H26 F N7 O4'
CLW non-polymer CHLORZOXAZONE 'C7 H4 Cl N O2'
SO4 non-polymer 'SULFATE ION' 'O4 S -2'
TYM non-polymer TRYPTOPHANYL-5'AMP 'C21 H24 N7 O8 P'
#
# COMPACT_ATOMS: atom_id res chain seq x y z
N LYS A 3 28.01 9.94 7.08
CA LYS A 3 27.84 8.62 7.72
C LYS A 3 26.87 7.74 6.92
N PRO A 4 27.15 6.44 6.85
CA PRO A 4 26.20 5.52 6.23
C PRO A 4 24.88 5.53 6.98
N ILE A 5 23.80 5.28 6.25
CA ILE A 5 22.45 5.27 6.82
C ILE A 5 22.04 3.83 7.06
N VAL A 6 21.62 3.54 8.29
CA VAL A 6 21.21 2.20 8.72
C VAL A 6 19.72 2.26 9.01
N PHE A 7 18.96 1.32 8.49
CA PHE A 7 17.52 1.25 8.76
C PHE A 7 17.20 -0.06 9.46
N SER A 8 16.55 0.04 10.62
CA SER A 8 16.10 -1.13 11.36
C SER A 8 14.60 -1.01 11.62
N GLY A 9 13.87 -2.10 11.40
CA GLY A 9 12.45 -2.11 11.71
C GLY A 9 12.14 -2.86 13.00
N ALA A 10 11.55 -2.18 13.98
CA ALA A 10 11.27 -2.75 15.29
C ALA A 10 9.79 -3.12 15.37
N GLN A 11 9.53 -4.39 15.48
CA GLN A 11 8.15 -4.84 15.47
C GLN A 11 7.48 -4.63 16.82
N PRO A 12 6.34 -3.94 16.90
CA PRO A 12 5.75 -3.66 18.22
C PRO A 12 5.52 -4.91 19.05
N SER A 13 4.90 -5.93 18.47
CA SER A 13 4.48 -7.08 19.25
C SER A 13 5.68 -7.95 19.61
N GLY A 14 5.63 -8.52 20.80
CA GLY A 14 6.68 -9.43 21.24
C GLY A 14 7.75 -8.76 22.10
N GLU A 15 7.81 -9.16 23.37
CA GLU A 15 8.79 -8.57 24.29
C GLU A 15 10.19 -8.97 23.88
N LEU A 16 11.10 -8.00 23.85
CA LEU A 16 12.52 -8.28 23.61
C LEU A 16 13.08 -9.20 24.68
N THR A 17 14.07 -10.00 24.29
CA THR A 17 14.75 -10.92 25.20
C THR A 17 16.17 -10.44 25.48
N ILE A 18 16.80 -11.04 26.49
CA ILE A 18 18.23 -10.77 26.70
C ILE A 18 19.03 -11.13 25.45
N GLY A 19 18.52 -12.06 24.64
CA GLY A 19 19.18 -12.35 23.37
C GLY A 19 19.13 -11.17 22.42
N ASN A 20 17.98 -10.51 22.33
CA ASN A 20 17.87 -9.32 21.50
C ASN A 20 18.79 -8.21 22.00
N TYR A 21 18.90 -8.05 23.32
CA TYR A 21 19.66 -6.94 23.88
C TYR A 21 21.17 -7.18 23.78
N MET A 22 21.67 -8.24 24.39
CA MET A 22 23.11 -8.47 24.37
C MET A 22 23.62 -8.88 22.99
N GLY A 23 22.77 -9.47 22.17
CA GLY A 23 23.21 -9.95 20.86
C GLY A 23 23.19 -8.94 19.73
N ALA A 24 22.66 -7.74 19.96
CA ALA A 24 22.52 -6.80 18.85
C ALA A 24 22.24 -5.35 19.32
N LEU A 25 21.11 -5.13 19.97
CA LEU A 25 20.76 -3.74 20.34
C LEU A 25 21.90 -3.14 21.14
N ARG A 26 22.44 -3.93 22.07
CA ARG A 26 23.49 -3.34 22.92
C ARG A 26 24.64 -2.82 22.06
N GLN A 27 24.98 -3.55 20.99
CA GLN A 27 26.08 -3.13 20.13
C GLN A 27 25.67 -1.97 19.22
N TRP A 28 24.42 -1.96 18.74
CA TRP A 28 23.95 -0.84 17.93
C TRP A 28 23.86 0.42 18.77
N VAL A 29 23.61 0.31 20.07
CA VAL A 29 23.57 1.47 20.95
C VAL A 29 24.92 2.18 20.95
N ASN A 30 26.02 1.43 20.85
CA ASN A 30 27.34 2.02 20.83
C ASN A 30 27.84 2.30 19.42
N MET A 31 26.93 2.35 18.44
CA MET A 31 27.30 2.63 17.06
C MET A 31 26.50 3.81 16.54
N GLN A 32 25.87 4.58 17.44
CA GLN A 32 24.99 5.67 17.02
C GLN A 32 25.76 6.88 16.51
N ASP A 33 27.05 6.99 16.84
CA ASP A 33 27.87 8.04 16.30
C ASP A 33 28.55 7.63 15.00
N ASP A 34 28.68 6.32 14.77
CA ASP A 34 29.36 5.83 13.58
C ASP A 34 28.47 5.86 12.36
N TYR A 35 27.15 5.65 12.56
CA TYR A 35 26.17 5.56 11.48
C TYR A 35 25.03 6.51 11.78
N HIS A 36 24.31 6.89 10.73
CA HIS A 36 23.00 7.55 10.90
C HIS A 36 21.97 6.44 11.01
N CYS A 37 21.62 6.09 12.24
CA CYS A 37 20.74 4.94 12.47
C CYS A 37 19.29 5.40 12.51
N ILE A 38 18.43 4.67 11.82
CA ILE A 38 16.99 4.92 11.83
C ILE A 38 16.33 3.69 12.44
N TYR A 39 15.47 3.93 13.44
CA TYR A 39 14.69 2.87 14.08
C TYR A 39 13.21 3.17 13.85
N CYS A 40 12.56 2.30 13.10
CA CYS A 40 11.17 2.47 12.69
C CYS A 40 10.31 1.45 13.42
N ILE A 41 9.39 1.91 14.25
CA ILE A 41 8.48 0.98 14.93
C ILE A 41 7.35 0.69 13.95
N VAL A 42 7.35 -0.52 13.39
CA VAL A 42 6.62 -0.78 12.14
C VAL A 42 5.24 -1.31 12.49
N ASP A 43 4.37 -0.39 12.91
CA ASP A 43 3.00 -0.78 13.21
C ASP A 43 2.24 -1.15 11.95
N GLN A 44 2.66 -0.66 10.77
CA GLN A 44 1.92 -1.00 9.57
C GLN A 44 2.23 -2.45 9.15
N HIS A 45 3.42 -2.93 9.47
CA HIS A 45 3.70 -4.35 9.25
C HIS A 45 2.95 -5.22 10.24
N ALA A 46 2.75 -4.74 11.47
CA ALA A 46 2.12 -5.54 12.51
C ALA A 46 0.72 -6.00 12.12
N ILE A 47 -0.02 -5.15 11.40
CA ILE A 47 -1.43 -5.46 11.14
C ILE A 47 -1.62 -6.50 10.04
N THR A 48 -0.54 -7.05 9.47
CA THR A 48 -0.71 -8.22 8.60
C THR A 48 -1.26 -9.40 9.37
N VAL A 49 -1.16 -9.37 10.69
CA VAL A 49 -1.73 -10.37 11.58
C VAL A 49 -2.80 -9.69 12.41
N ARG A 50 -4.02 -10.23 12.37
CA ARG A 50 -5.11 -9.70 13.17
C ARG A 50 -4.75 -9.70 14.65
N GLN A 51 -4.99 -8.59 15.32
CA GLN A 51 -4.68 -8.53 16.73
C GLN A 51 -5.51 -7.43 17.39
N ASP A 52 -5.60 -7.51 18.70
CA ASP A 52 -6.36 -6.55 19.47
C ASP A 52 -5.80 -5.15 19.30
N ALA A 53 -6.69 -4.21 19.03
CA ALA A 53 -6.29 -2.84 18.72
C ALA A 53 -5.58 -2.19 19.91
N GLN A 54 -6.15 -2.32 21.11
CA GLN A 54 -5.59 -1.58 22.23
C GLN A 54 -4.25 -2.18 22.67
N LYS A 55 -4.06 -3.49 22.46
CA LYS A 55 -2.74 -4.07 22.73
C LYS A 55 -1.70 -3.57 21.74
N LEU A 56 -2.11 -3.32 20.49
CA LEU A 56 -1.19 -2.79 19.49
C LEU A 56 -0.72 -1.39 19.86
N ARG A 57 -1.66 -0.54 20.27
CA ARG A 57 -1.29 0.80 20.74
C ARG A 57 -0.32 0.71 21.92
N LYS A 58 -0.67 -0.10 22.93
CA LYS A 58 0.22 -0.27 24.08
C LYS A 58 1.58 -0.83 23.67
N ALA A 59 1.59 -1.82 22.78
CA ALA A 59 2.85 -2.44 22.39
C ALA A 59 3.73 -1.50 21.58
N THR A 60 3.10 -0.59 20.81
CA THR A 60 3.86 0.44 20.11
C THR A 60 4.59 1.32 21.11
N LEU A 61 3.90 1.73 22.17
CA LEU A 61 4.50 2.57 23.19
C LEU A 61 5.49 1.77 24.03
N ASP A 62 5.16 0.51 24.33
CA ASP A 62 6.10 -0.35 25.07
C ASP A 62 7.42 -0.48 24.34
N THR A 63 7.36 -0.73 23.03
CA THR A 63 8.58 -0.88 22.22
C THR A 63 9.39 0.41 22.20
N LEU A 64 8.71 1.55 22.06
CA LEU A 64 9.42 2.83 22.04
C LEU A 64 10.17 3.05 23.35
N ALA A 65 9.49 2.81 24.48
CA ALA A 65 10.13 3.07 25.77
C ALA A 65 11.27 2.10 26.03
N LEU A 66 11.18 0.86 25.51
CA LEU A 66 12.25 -0.11 25.74
C LEU A 66 13.48 0.20 24.90
N TYR A 67 13.28 0.62 23.64
CA TYR A 67 14.39 1.04 22.80
C TYR A 67 15.10 2.23 23.42
N LEU A 68 14.33 3.21 23.91
CA LEU A 68 14.90 4.30 24.69
C LEU A 68 15.66 3.76 25.90
N ALA A 69 15.03 2.82 26.62
CA ALA A 69 15.65 2.32 27.85
C ALA A 69 16.93 1.57 27.56
N CYS A 70 17.02 0.92 26.40
CA CYS A 70 18.24 0.21 26.05
C CYS A 70 19.37 1.15 25.64
N GLY A 71 19.07 2.42 25.38
CA GLY A 71 20.08 3.41 25.09
C GLY A 71 19.97 4.07 23.74
N ILE A 72 18.97 3.75 22.92
CA ILE A 72 18.79 4.50 21.68
C ILE A 72 18.56 5.95 22.05
N ASP A 73 19.39 6.83 21.49
CA ASP A 73 19.37 8.24 21.82
C ASP A 73 18.62 8.99 20.73
N PRO A 74 17.42 9.51 21.01
CA PRO A 74 16.62 10.16 19.95
C PRO A 74 17.26 11.44 19.43
N GLU A 75 18.30 11.95 20.06
CA GLU A 75 19.06 13.05 19.51
C GLU A 75 20.12 12.58 18.54
N LYS A 76 20.63 11.37 18.72
CA LYS A 76 21.63 10.78 17.83
C LYS A 76 21.00 9.98 16.72
N SER A 77 20.06 9.10 17.04
CA SER A 77 19.36 8.29 16.07
C SER A 77 17.97 8.88 15.80
N THR A 78 17.36 8.42 14.71
CA THR A 78 15.98 8.78 14.38
C THR A 78 15.09 7.60 14.78
N ILE A 79 14.17 7.85 15.70
CA ILE A 79 13.23 6.79 16.12
C ILE A 79 11.81 7.32 15.98
N PHE A 80 10.95 6.54 15.35
CA PHE A 80 9.62 7.03 14.99
C PHE A 80 8.69 5.85 14.73
N VAL A 81 7.40 6.16 14.67
CA VAL A 81 6.37 5.16 14.37
C VAL A 81 6.07 5.21 12.87
N GLN A 82 6.13 4.04 12.22
CA GLN A 82 5.98 3.93 10.76
C GLN A 82 4.74 4.68 10.26
N SER A 83 3.59 4.46 10.91
CA SER A 83 2.35 5.02 10.40
C SER A 83 2.31 6.54 10.49
N HIS A 84 3.20 7.14 11.27
CA HIS A 84 3.28 8.60 11.36
C HIS A 84 3.92 9.24 10.15
N VAL A 85 4.43 8.45 9.21
CA VAL A 85 5.14 8.97 8.05
C VAL A 85 4.43 8.44 6.82
N PRO A 86 3.49 9.20 6.24
CA PRO A 86 2.71 8.70 5.10
C PRO A 86 3.57 8.20 3.94
N GLU A 87 4.76 8.77 3.76
CA GLU A 87 5.63 8.38 2.65
C GLU A 87 5.86 6.88 2.55
N HIS A 88 5.84 6.13 3.68
CA HIS A 88 6.05 4.69 3.61
C HIS A 88 4.98 4.00 2.77
N ALA A 89 3.72 4.28 3.05
CA ALA A 89 2.64 3.71 2.25
C ALA A 89 2.66 4.23 0.82
N GLN A 90 2.99 5.52 0.64
CA GLN A 90 3.03 6.12 -0.69
C GLN A 90 4.08 5.43 -1.57
N LEU A 91 5.29 5.26 -1.03
CA LEU A 91 6.33 4.58 -1.80
C LEU A 91 5.99 3.12 -1.99
N GLY A 92 5.35 2.51 -0.98
CA GLY A 92 4.94 1.11 -1.12
C GLY A 92 4.03 0.90 -2.31
N TRP A 93 3.03 1.78 -2.49
CA TRP A 93 2.15 1.63 -3.64
C TRP A 93 2.94 1.75 -4.94
N ALA A 94 3.76 2.81 -5.05
CA ALA A 94 4.51 2.99 -6.28
C ALA A 94 5.40 1.79 -6.57
N LEU A 95 6.08 1.28 -5.55
CA LEU A 95 6.98 0.14 -5.76
C LEU A 95 6.21 -1.14 -6.06
N ASN A 96 4.95 -1.26 -5.59
CA ASN A 96 4.09 -2.35 -6.06
C ASN A 96 4.08 -2.46 -7.57
N CYS A 97 4.06 -1.31 -8.24
CA CYS A 97 3.95 -1.30 -9.70
C CYS A 97 5.27 -1.62 -10.39
N TYR A 98 6.35 -1.81 -9.63
CA TYR A 98 7.64 -2.21 -10.16
C TYR A 98 8.11 -3.53 -9.57
N THR A 99 7.18 -4.27 -8.96
CA THR A 99 7.46 -5.57 -8.35
C THR A 99 6.65 -6.62 -9.10
N TYR A 100 7.30 -7.70 -9.49
CA TYR A 100 6.58 -8.78 -10.16
C TYR A 100 5.70 -9.52 -9.18
N PHE A 101 4.47 -9.81 -9.59
CA PHE A 101 3.62 -10.69 -8.81
C PHE A 101 4.37 -11.98 -8.47
N GLY A 102 5.11 -12.52 -9.45
CA GLY A 102 5.85 -13.76 -9.22
C GLY A 102 6.92 -13.65 -8.16
N GLU A 103 7.49 -12.45 -7.97
CA GLU A 103 8.47 -12.22 -6.92
C GLU A 103 7.85 -12.36 -5.54
N LEU A 104 6.61 -11.85 -5.36
CA LEU A 104 5.91 -12.02 -4.09
C LEU A 104 5.43 -13.46 -3.91
N SER A 105 4.98 -14.10 -4.99
CA SER A 105 4.50 -15.47 -4.85
C SER A 105 5.63 -16.43 -4.49
N ARG A 106 6.85 -16.13 -4.92
CA ARG A 106 8.02 -16.97 -4.64
C ARG A 106 8.70 -16.66 -3.32
N MET A 107 8.11 -15.82 -2.47
CA MET A 107 8.71 -15.52 -1.18
C MET A 107 8.76 -16.75 -0.27
N ALA A 118 -4.25 -20.44 1.21
CA ALA A 118 -3.66 -19.54 0.23
C ALA A 118 -4.64 -18.41 -0.13
N GLU A 119 -5.81 -18.81 -0.65
CA GLU A 119 -6.83 -17.83 -0.98
C GLU A 119 -7.36 -17.11 0.26
N ASN A 120 -7.14 -17.65 1.45
CA ASN A 120 -7.61 -17.05 2.69
C ASN A 120 -6.52 -16.29 3.46
N ILE A 121 -5.31 -16.13 2.92
CA ILE A 121 -4.37 -15.23 3.57
C ILE A 121 -4.72 -13.81 3.15
N ASN A 122 -4.53 -12.85 4.05
CA ASN A 122 -4.87 -11.50 3.63
C ASN A 122 -3.78 -10.90 2.76
N ALA A 123 -4.18 -9.92 1.95
CA ALA A 123 -3.29 -9.32 0.96
C ALA A 123 -2.09 -8.62 1.60
N GLY A 124 -2.20 -8.18 2.86
CA GLY A 124 -1.04 -7.60 3.53
C GLY A 124 0.03 -8.64 3.80
N LEU A 125 -0.38 -9.83 4.22
CA LEU A 125 0.58 -10.92 4.36
C LEU A 125 1.31 -11.19 3.05
N PHE A 126 0.62 -11.05 1.91
CA PHE A 126 1.25 -11.30 0.63
C PHE A 126 2.15 -10.13 0.19
N ASP A 127 1.77 -8.91 0.53
CA ASP A 127 2.33 -7.70 -0.06
C ASP A 127 3.34 -6.98 0.83
N TYR A 128 3.48 -7.37 2.09
CA TYR A 128 4.38 -6.64 2.99
C TYR A 128 5.83 -6.62 2.53
N PRO A 129 6.35 -7.56 1.72
CA PRO A 129 7.74 -7.37 1.26
C PRO A 129 7.93 -6.10 0.45
N VAL A 130 6.89 -5.61 -0.21
CA VAL A 130 7.02 -4.36 -0.95
C VAL A 130 7.03 -3.19 0.01
N LEU A 131 6.18 -3.22 1.04
CA LEU A 131 6.25 -2.19 2.08
C LEU A 131 7.64 -2.16 2.72
N MET A 132 8.20 -3.33 3.04
CA MET A 132 9.57 -3.41 3.57
C MET A 132 10.56 -2.70 2.66
N ALA A 133 10.45 -2.99 1.36
CA ALA A 133 11.35 -2.36 0.41
C ALA A 133 11.19 -0.85 0.42
N ALA A 134 9.94 -0.37 0.49
CA ALA A 134 9.71 1.07 0.57
C ALA A 134 10.30 1.65 1.85
N ASP A 135 10.13 0.94 2.99
CA ASP A 135 10.68 1.40 4.26
C ASP A 135 12.19 1.67 4.11
N ILE A 136 12.90 0.74 3.48
CA ILE A 136 14.35 0.86 3.35
C ILE A 136 14.72 1.93 2.34
N LEU A 137 14.15 1.86 1.13
CA LEU A 137 14.59 2.74 0.05
C LEU A 137 14.25 4.19 0.31
N LEU A 138 13.22 4.48 1.12
CA LEU A 138 12.83 5.85 1.42
C LEU A 138 13.98 6.68 1.95
N TYR A 139 14.87 6.06 2.74
CA TYR A 139 15.88 6.80 3.49
C TYR A 139 17.27 6.72 2.88
N GLN A 140 17.36 6.35 1.59
CA GLN A 140 18.64 6.24 0.91
C GLN A 140 19.56 5.32 1.73
N THR A 141 18.96 4.25 2.25
CA THR A 141 19.62 3.41 3.25
C THR A 141 20.80 2.67 2.64
N ASN A 142 21.92 2.68 3.36
CA ASN A 142 23.10 1.91 2.94
C ASN A 142 23.12 0.50 3.52
N LEU A 143 22.69 0.34 4.77
CA LEU A 143 22.88 -0.90 5.52
C LEU A 143 21.59 -1.27 6.24
N VAL A 144 21.27 -2.57 6.25
CA VAL A 144 20.07 -3.08 6.88
C VAL A 144 20.45 -4.33 7.69
N PRO A 145 20.28 -4.33 9.02
CA PRO A 145 20.67 -5.52 9.81
C PRO A 145 19.54 -6.53 9.86
N VAL A 146 19.30 -7.19 8.73
CA VAL A 146 18.20 -8.14 8.64
C VAL A 146 18.48 -9.36 9.50
N GLY A 147 17.41 -10.02 9.95
CA GLY A 147 17.55 -11.37 10.46
C GLY A 147 17.77 -12.36 9.33
N GLU A 148 18.15 -13.59 9.69
CA GLU A 148 18.34 -14.61 8.67
C GLU A 148 17.05 -14.90 7.92
N ASP A 149 15.90 -14.75 8.58
CA ASP A 149 14.62 -15.01 7.92
C ASP A 149 14.18 -13.88 7.01
N GLN A 150 14.90 -12.76 6.96
CA GLN A 150 14.57 -11.62 6.11
C GLN A 150 15.56 -11.40 4.97
N LYS A 151 16.41 -12.38 4.67
CA LYS A 151 17.43 -12.15 3.66
C LYS A 151 16.83 -12.06 2.27
N GLN A 152 15.82 -12.89 1.98
CA GLN A 152 15.14 -12.81 0.71
C GLN A 152 14.43 -11.47 0.53
N HIS A 153 13.90 -10.92 1.63
CA HIS A 153 13.24 -9.62 1.57
C HIS A 153 14.23 -8.53 1.21
N LEU A 154 15.41 -8.56 1.83
CA LEU A 154 16.42 -7.58 1.48
C LEU A 154 16.80 -7.72 0.02
N GLU A 155 16.79 -8.95 -0.48
CA GLU A 155 17.39 -9.15 -1.76
C GLU A 155 16.39 -8.63 -2.81
N LEU A 156 15.09 -8.80 -2.53
CA LEU A 156 14.01 -8.17 -3.29
C LEU A 156 14.13 -6.64 -3.32
N SER A 157 14.34 -6.03 -2.15
CA SER A 157 14.52 -4.58 -2.10
C SER A 157 15.67 -4.12 -2.99
N ARG A 158 16.78 -4.86 -2.99
CA ARG A 158 17.87 -4.53 -3.89
C ARG A 158 17.45 -4.68 -5.34
N ASP A 159 16.73 -5.76 -5.66
CA ASP A 159 16.27 -5.97 -7.03
C ASP A 159 15.34 -4.84 -7.47
N ILE A 160 14.43 -4.40 -6.59
CA ILE A 160 13.53 -3.31 -6.94
C ILE A 160 14.31 -2.02 -7.16
N ALA A 161 15.23 -1.70 -6.26
CA ALA A 161 16.01 -0.47 -6.40
C ALA A 161 16.77 -0.46 -7.72
N GLN A 162 17.42 -1.57 -8.08
CA GLN A 162 18.20 -1.61 -9.32
C GLN A 162 17.29 -1.51 -10.54
N ARG A 163 16.13 -2.18 -10.50
CA ARG A 163 15.17 -2.10 -11.59
C ARG A 163 14.69 -0.68 -11.80
N PHE A 164 14.32 0.00 -10.71
CA PHE A 164 13.85 1.37 -10.79
C PHE A 164 14.97 2.30 -11.27
N ASN A 165 16.15 2.15 -10.66
CA ASN A 165 17.31 2.96 -11.07
C ASN A 165 17.65 2.77 -12.54
N ALA A 166 17.61 1.53 -13.03
CA ALA A 166 17.93 1.30 -14.43
C ALA A 166 16.94 2.00 -15.36
N LEU A 167 15.70 2.19 -14.90
CA LEU A 167 14.73 2.89 -15.74
C LEU A 167 14.87 4.40 -15.63
N TYR A 168 15.15 4.91 -14.44
CA TYR A 168 14.94 6.34 -14.20
C TYR A 168 16.17 7.10 -13.74
N GLY A 169 17.31 6.46 -13.56
CA GLY A 169 18.46 7.11 -12.96
C GLY A 169 18.64 6.67 -11.53
N GLU A 170 19.70 7.17 -10.90
CA GLU A 170 20.13 6.67 -9.59
C GLU A 170 19.33 7.34 -8.48
N ILE A 171 18.03 7.02 -8.46
CA ILE A 171 17.08 7.55 -7.50
C ILE A 171 17.29 6.93 -6.12
N PHE A 172 17.53 5.62 -6.08
CA PHE A 172 17.64 4.85 -4.84
C PHE A 172 19.08 4.41 -4.60
N LYS A 173 19.48 4.38 -3.33
CA LYS A 173 20.67 3.64 -2.95
C LYS A 173 20.34 2.16 -2.95
N VAL A 174 21.27 1.34 -3.42
CA VAL A 174 21.10 -0.10 -3.33
C VAL A 174 21.60 -0.52 -1.95
N PRO A 175 20.70 -0.98 -1.07
CA PRO A 175 21.10 -1.29 0.31
C PRO A 175 21.88 -2.59 0.39
N GLU A 176 22.70 -2.68 1.45
CA GLU A 176 23.53 -3.86 1.73
C GLU A 176 23.13 -4.43 3.08
N PRO A 177 23.23 -5.75 3.24
CA PRO A 177 23.09 -6.34 4.59
C PRO A 177 24.21 -5.88 5.51
N PHE A 178 23.90 -5.70 6.79
CA PHE A 178 24.93 -5.51 7.80
C PHE A 178 25.49 -6.88 8.14
N ILE A 179 26.70 -7.17 7.66
CA ILE A 179 27.24 -8.53 7.76
C ILE A 179 27.69 -8.89 9.18
N PRO A 180 28.49 -8.07 9.87
CA PRO A 180 29.12 -8.56 11.11
C PRO A 180 28.12 -8.75 12.24
N LYS A 181 28.40 -9.78 13.05
CA LYS A 181 27.54 -10.12 14.19
C LYS A 181 28.14 -9.58 15.47
N GLY A 183 26.72 -9.46 18.63
CA GLY A 183 27.49 -10.68 18.48
C GLY A 183 27.78 -11.45 19.76
N ALA A 184 26.72 -11.73 20.54
CA ALA A 184 26.78 -12.68 21.63
C ALA A 184 25.79 -13.81 21.35
N ARG A 185 26.10 -14.99 21.86
CA ARG A 185 25.35 -16.21 21.55
C ARG A 185 24.44 -16.56 22.73
N VAL A 186 23.14 -16.28 22.56
CA VAL A 186 22.14 -16.55 23.59
C VAL A 186 21.17 -17.58 23.03
N MET A 187 21.20 -18.78 23.59
CA MET A 187 20.41 -19.91 23.13
C MET A 187 19.22 -20.15 24.06
N SER A 188 18.23 -20.87 23.53
CA SER A 188 17.03 -21.18 24.30
C SER A 188 17.36 -22.03 25.53
N LEU A 189 16.70 -21.72 26.65
CA LEU A 189 17.09 -22.31 27.93
C LEU A 189 16.74 -23.80 28.01
N LEU A 190 15.66 -24.22 27.37
CA LEU A 190 15.26 -25.62 27.41
C LEU A 190 15.59 -26.37 26.13
N GLU A 191 16.14 -25.68 25.15
CA GLU A 191 16.51 -26.29 23.86
C GLU A 191 17.74 -25.56 23.37
N PRO A 192 18.91 -25.88 23.94
CA PRO A 192 20.09 -25.00 23.76
C PRO A 192 20.66 -25.01 22.35
N THR A 193 20.21 -25.89 21.46
CA THR A 193 20.67 -25.83 20.08
C THR A 193 19.96 -24.74 19.27
N LYS A 194 18.87 -24.19 19.79
CA LYS A 194 18.09 -23.16 19.12
C LYS A 194 18.36 -21.80 19.77
N LYS A 195 18.50 -20.77 18.93
CA LYS A 195 18.69 -19.42 19.46
C LYS A 195 17.46 -18.98 20.25
N MET A 196 17.69 -18.14 21.27
CA MET A 196 16.58 -17.52 21.98
C MET A 196 15.87 -16.52 21.06
N SER A 197 14.55 -16.68 20.90
CA SER A 197 13.76 -15.93 19.93
C SER A 197 12.60 -15.22 20.62
N LYS A 198 12.41 -13.93 20.31
CA LYS A 198 11.40 -13.15 21.01
C LYS A 198 10.00 -13.68 20.72
N SER A 199 9.83 -14.43 19.64
CA SER A 199 8.53 -14.91 19.20
C SER A 199 8.24 -16.33 19.64
N ASP A 200 9.14 -16.94 20.41
CA ASP A 200 8.93 -18.30 20.90
C ASP A 200 7.66 -18.37 21.76
N ASP A 201 6.82 -19.36 21.47
CA ASP A 201 5.62 -19.59 22.29
C ASP A 201 5.97 -20.17 23.65
N ASN A 202 7.00 -21.02 23.71
CA ASN A 202 7.50 -21.52 24.98
C ASN A 202 8.26 -20.40 25.68
N ARG A 203 7.56 -19.65 26.53
CA ARG A 203 8.17 -18.53 27.25
C ARG A 203 9.31 -18.97 28.17
N ASN A 204 9.40 -20.27 28.48
CA ASN A 204 10.48 -20.73 29.33
C ASN A 204 11.80 -20.83 28.61
N ASN A 205 11.81 -20.80 27.27
CA ASN A 205 13.07 -20.74 26.54
C ASN A 205 13.72 -19.37 26.60
N VAL A 206 12.98 -18.33 26.98
CA VAL A 206 13.45 -16.96 26.82
C VAL A 206 13.49 -16.32 28.20
N ILE A 207 14.27 -15.24 28.29
CA ILE A 207 14.19 -14.30 29.40
C ILE A 207 13.87 -12.95 28.78
N GLY A 208 12.67 -12.43 29.06
CA GLY A 208 12.31 -11.09 28.59
C GLY A 208 12.97 -10.00 29.41
N LEU A 209 13.17 -8.84 28.78
CA LEU A 209 13.87 -7.76 29.46
C LEU A 209 13.09 -7.20 30.64
N LEU A 210 11.81 -7.49 30.74
CA LEU A 210 11.00 -6.94 31.83
C LEU A 210 10.77 -7.96 32.94
N GLU A 211 11.47 -9.09 32.92
CA GLU A 211 11.24 -10.15 33.89
C GLU A 211 11.88 -9.82 35.24
N ASP A 212 11.19 -10.17 36.33
CA ASP A 212 11.69 -9.84 37.67
C ASP A 212 12.70 -10.89 38.13
N PRO A 213 13.46 -10.59 39.19
CA PRO A 213 14.48 -11.56 39.63
C PRO A 213 13.94 -12.93 40.01
N LYS A 214 12.69 -13.04 40.48
CA LYS A 214 12.13 -14.35 40.80
C LYS A 214 11.84 -15.15 39.52
N SER A 215 11.36 -14.47 38.47
CA SER A 215 11.14 -15.13 37.19
C SER A 215 12.45 -15.57 36.54
N VAL A 216 13.49 -14.73 36.63
CA VAL A 216 14.79 -15.10 36.09
C VAL A 216 15.37 -16.30 36.81
N VAL A 217 15.29 -16.33 38.15
CA VAL A 217 15.80 -17.46 38.92
C VAL A 217 15.11 -18.74 38.47
N LYS A 218 13.78 -18.72 38.41
CA LYS A 218 13.00 -19.90 38.05
C LYS A 218 13.39 -20.43 36.66
N LYS A 219 13.52 -19.54 35.68
CA LYS A 219 13.80 -20.01 34.32
C LYS A 219 15.24 -20.51 34.20
N ILE A 220 16.17 -19.85 34.87
CA ILE A 220 17.56 -20.31 34.87
C ILE A 220 17.69 -21.66 35.58
N LYS A 221 16.91 -21.88 36.64
CA LYS A 221 17.05 -23.15 37.37
C LYS A 221 16.59 -24.34 36.55
N ARG A 222 15.63 -24.15 35.66
CA ARG A 222 15.15 -25.21 34.78
C ARG A 222 16.00 -25.36 33.51
N ALA A 223 16.94 -24.45 33.27
CA ALA A 223 17.76 -24.52 32.05
C ALA A 223 18.46 -25.87 31.97
N VAL A 224 18.41 -26.49 30.79
CA VAL A 224 18.93 -27.83 30.64
C VAL A 224 20.44 -27.79 30.73
N THR A 225 21.02 -28.79 31.40
CA THR A 225 22.47 -28.88 31.48
C THR A 225 22.91 -30.21 30.87
N ASP A 226 23.66 -31.03 31.60
CA ASP A 226 24.04 -32.34 31.08
C ASP A 226 24.18 -33.30 32.26
N SER A 227 24.48 -34.56 31.94
CA SER A 227 24.63 -35.60 32.95
C SER A 227 26.08 -35.92 33.26
N ASP A 228 26.97 -34.97 32.99
CA ASP A 228 28.39 -35.21 33.29
C ASP A 228 28.58 -35.53 34.77
N GLU A 229 29.41 -36.52 35.05
CA GLU A 229 29.75 -36.87 36.45
C GLU A 229 31.28 -37.03 36.55
N PRO A 230 31.97 -36.21 37.35
CA PRO A 230 31.32 -35.15 38.09
C PRO A 230 30.83 -34.00 37.19
N PRO A 231 29.87 -33.18 37.67
CA PRO A 231 29.48 -32.01 36.91
C PRO A 231 30.73 -31.14 36.67
N VAL A 232 30.88 -30.64 35.45
CA VAL A 232 32.03 -29.81 35.13
C VAL A 232 31.56 -28.60 34.32
N VAL A 233 31.95 -27.42 34.78
CA VAL A 233 31.59 -26.17 34.13
C VAL A 233 32.69 -25.89 33.11
N ARG A 234 32.49 -26.40 31.89
CA ARG A 234 33.46 -26.23 30.83
C ARG A 234 32.72 -26.01 29.52
N TYR A 235 33.29 -25.17 28.67
CA TYR A 235 32.64 -24.78 27.42
C TYR A 235 32.82 -25.84 26.35
N ASP A 236 31.71 -26.29 25.79
CA ASP A 236 31.70 -27.33 24.77
C ASP A 236 30.33 -27.34 24.12
N VAL A 237 30.16 -26.63 23.01
CA VAL A 237 28.83 -26.48 22.44
C VAL A 237 28.31 -27.82 21.93
N GLN A 238 29.19 -28.63 21.33
CA GLN A 238 28.77 -29.94 20.86
C GLN A 238 28.30 -30.85 21.99
N ASN A 239 29.07 -30.98 23.07
CA ASN A 239 28.74 -31.97 24.09
C ASN A 239 28.08 -31.40 25.33
N LYS A 240 28.21 -30.10 25.59
CA LYS A 240 27.66 -29.47 26.79
C LYS A 240 26.93 -28.18 26.41
N ALA A 241 25.91 -28.30 25.55
CA ALA A 241 25.24 -27.12 25.00
C ALA A 241 24.62 -26.24 26.09
N GLY A 242 23.90 -26.86 27.03
CA GLY A 242 23.23 -26.07 28.07
C GLY A 242 24.22 -25.33 28.97
N VAL A 243 25.24 -26.03 29.45
CA VAL A 243 26.25 -25.38 30.30
C VAL A 243 26.99 -24.32 29.49
N SER A 244 27.27 -24.60 28.22
CA SER A 244 27.94 -23.62 27.36
C SER A 244 27.08 -22.38 27.15
N ASN A 245 25.76 -22.55 27.02
CA ASN A 245 24.85 -21.42 26.87
C ASN A 245 24.85 -20.55 28.14
N LEU A 246 24.76 -21.20 29.30
CA LEU A 246 24.82 -20.48 30.56
C LEU A 246 26.12 -19.70 30.67
N LEU A 247 27.24 -20.32 30.28
CA LEU A 247 28.54 -19.62 30.28
C LEU A 247 28.54 -18.43 29.33
N ASP A 248 28.02 -18.62 28.11
CA ASP A 248 27.94 -17.51 27.15
C ASP A 248 27.08 -16.36 27.67
N ILE A 249 25.94 -16.68 28.30
CA ILE A 249 25.10 -15.63 28.87
C ILE A 249 25.84 -14.88 29.96
N LEU A 250 26.51 -15.61 30.85
CA LEU A 250 27.24 -14.98 31.94
C LEU A 250 28.36 -14.08 31.40
N SER A 251 29.13 -14.59 30.43
CA SER A 251 30.19 -13.79 29.84
C SER A 251 29.65 -12.56 29.12
N ALA A 252 28.51 -12.70 28.43
CA ALA A 252 27.92 -11.56 27.75
C ALA A 252 27.45 -10.49 28.74
N VAL A 253 27.01 -10.90 29.93
CA VAL A 253 26.60 -9.92 30.94
C VAL A 253 27.81 -9.28 31.59
N THR A 254 28.79 -10.08 32.04
CA THR A 254 29.84 -9.55 32.90
C THR A 254 31.09 -9.10 32.15
N GLY A 255 31.25 -9.50 30.89
CA GLY A 255 32.47 -9.21 30.18
C GLY A 255 33.63 -10.12 30.51
N GLN A 256 33.44 -11.06 31.43
CA GLN A 256 34.47 -12.03 31.78
C GLN A 256 34.61 -13.07 30.67
N SER A 257 35.86 -13.47 30.40
CA SER A 257 36.10 -14.41 29.31
C SER A 257 35.63 -15.81 29.68
N ILE A 258 35.29 -16.60 28.66
CA ILE A 258 34.97 -18.01 28.90
C ILE A 258 36.09 -18.73 29.64
N PRO A 259 37.37 -18.61 29.25
CA PRO A 259 38.41 -19.22 30.09
C PRO A 259 38.41 -18.74 31.53
N GLU A 260 38.17 -17.45 31.75
CA GLU A 260 38.17 -16.94 33.12
C GLU A 260 37.03 -17.57 33.93
N LEU A 261 35.83 -17.65 33.34
CA LEU A 261 34.71 -18.25 34.05
C LEU A 261 34.93 -19.74 34.31
N GLU A 262 35.54 -20.44 33.35
CA GLU A 262 35.86 -21.85 33.56
C GLU A 262 36.78 -22.02 34.77
N LYS A 263 37.75 -21.12 34.92
CA LYS A 263 38.60 -21.12 36.11
C LYS A 263 37.79 -20.82 37.36
N GLN A 264 36.92 -19.81 37.29
CA GLN A 264 36.10 -19.40 38.43
C GLN A 264 35.19 -20.51 38.95
N PHE A 265 34.72 -21.39 38.07
CA PHE A 265 33.80 -22.46 38.44
C PHE A 265 34.46 -23.84 38.51
N GLU A 266 35.80 -23.90 38.58
CA GLU A 266 36.47 -25.17 38.82
C GLU A 266 35.97 -25.77 40.12
N GLY A 267 35.60 -27.05 40.08
CA GLY A 267 35.13 -27.71 41.28
C GLY A 267 33.76 -27.29 41.74
N LYS A 268 33.03 -26.56 40.91
CA LYS A 268 31.70 -26.09 41.24
C LYS A 268 30.68 -26.86 40.43
N MET A 269 29.45 -26.88 40.93
CA MET A 269 28.35 -27.58 40.29
C MET A 269 27.49 -26.61 39.49
N TYR A 270 26.53 -27.18 38.77
CA TYR A 270 25.68 -26.37 37.89
C TYR A 270 24.74 -25.47 38.67
N GLY A 271 24.40 -25.84 39.92
CA GLY A 271 23.61 -24.93 40.75
C GLY A 271 24.33 -23.63 41.02
N HIS A 272 25.64 -23.70 41.27
CA HIS A 272 26.45 -22.49 41.46
C HIS A 272 26.43 -21.62 40.22
N LEU A 273 26.67 -22.24 39.05
CA LEU A 273 26.67 -21.50 37.81
C LEU A 273 25.33 -20.81 37.57
N LYS A 274 24.23 -21.56 37.74
CA LYS A 274 22.89 -21.01 37.55
C LYS A 274 22.62 -19.86 38.50
N GLY A 275 23.11 -19.98 39.73
CA GLY A 275 22.91 -18.91 40.70
C GLY A 275 23.56 -17.61 40.26
N GLU A 276 24.80 -17.71 39.77
CA GLU A 276 25.49 -16.53 39.26
C GLU A 276 24.85 -16.00 37.98
N VAL A 277 24.42 -16.89 37.08
CA VAL A 277 23.77 -16.44 35.84
C VAL A 277 22.55 -15.60 36.18
N ALA A 278 21.68 -16.12 37.05
CA ALA A 278 20.46 -15.40 37.41
C ALA A 278 20.80 -14.05 38.04
N ASP A 279 21.71 -14.05 39.03
CA ASP A 279 22.15 -12.81 39.67
C ASP A 279 22.68 -11.81 38.65
N ALA A 280 23.53 -12.28 37.73
CA ALA A 280 24.12 -11.38 36.75
C ALA A 280 23.06 -10.84 35.80
N VAL A 281 22.24 -11.73 35.23
CA VAL A 281 21.18 -11.29 34.33
C VAL A 281 20.28 -10.27 35.02
N SER A 282 19.82 -10.57 36.24
CA SER A 282 18.89 -9.64 36.88
C SER A 282 19.55 -8.32 37.25
N GLY A 283 20.84 -8.35 37.60
CA GLY A 283 21.56 -7.09 37.81
C GLY A 283 21.53 -6.22 36.58
N MET A 284 21.79 -6.82 35.40
CA MET A 284 21.76 -6.08 34.14
C MET A 284 20.35 -5.57 33.83
N LEU A 285 19.34 -6.38 34.11
CA LEU A 285 17.97 -6.04 33.75
C LEU A 285 17.40 -4.94 34.64
N THR A 286 17.91 -4.82 35.87
CA THR A 286 17.30 -3.88 36.81
C THR A 286 17.58 -2.43 36.40
N GLU A 287 18.79 -2.15 35.92
CA GLU A 287 19.05 -0.81 35.39
C GLU A 287 18.19 -0.53 34.16
N LEU A 288 18.01 -1.54 33.29
CA LEU A 288 17.21 -1.34 32.08
C LEU A 288 15.74 -1.14 32.43
N GLN A 289 15.26 -1.90 33.41
CA GLN A 289 13.86 -1.84 33.79
C GLN A 289 13.53 -0.51 34.47
N GLU A 290 14.45 0.00 35.29
CA GLU A 290 14.21 1.28 35.94
C GLU A 290 14.05 2.38 34.90
N ARG A 291 14.92 2.39 33.88
CA ARG A 291 14.81 3.38 32.81
C ARG A 291 13.55 3.16 32.00
N TYR A 292 13.20 1.90 31.72
CA TYR A 292 11.99 1.59 30.97
C TYR A 292 10.76 2.22 31.62
N HIS A 293 10.52 1.89 32.88
CA HIS A 293 9.32 2.38 33.55
C HIS A 293 9.33 3.89 33.70
N ARG A 294 10.51 4.48 33.87
CA ARG A 294 10.61 5.93 33.89
C ARG A 294 10.16 6.53 32.56
N PHE A 295 10.69 6.01 31.44
CA PHE A 295 10.29 6.51 30.14
C PHE A 295 8.83 6.16 29.82
N ARG A 296 8.43 4.92 30.12
CA ARG A 296 7.13 4.44 29.67
C ARG A 296 6.00 5.21 30.32
N ASN A 297 6.18 5.62 31.58
CA ASN A 297 5.11 6.31 32.30
C ASN A 297 5.13 7.81 32.08
N ASP A 298 5.98 8.29 31.19
CA ASP A 298 6.09 9.72 30.87
C ASP A 298 5.50 9.92 29.47
N GLU A 299 4.19 10.16 29.42
CA GLU A 299 3.49 10.32 28.15
C GLU A 299 4.08 11.44 27.31
N ALA A 300 4.38 12.58 27.94
CA ALA A 300 4.82 13.75 27.19
C ALA A 300 6.18 13.53 26.55
N PHE A 301 7.10 12.90 27.29
CA PHE A 301 8.39 12.57 26.74
C PHE A 301 8.24 11.66 25.53
N LEU A 302 7.44 10.60 25.66
CA LEU A 302 7.23 9.69 24.54
C LEU A 302 6.56 10.40 23.37
N GLN A 303 5.60 11.29 23.66
CA GLN A 303 4.95 12.03 22.58
C GLN A 303 5.95 12.94 21.88
N GLN A 304 6.86 13.55 22.61
CA GLN A 304 7.87 14.43 21.98
C GLN A 304 8.84 13.60 21.10
N VAL A 305 9.27 12.47 21.65
CA VAL A 305 10.17 11.61 20.87
C VAL A 305 9.52 11.23 19.56
N MET A 306 8.25 10.83 19.59
CA MET A 306 7.57 10.43 18.34
C MET A 306 7.41 11.62 17.40
N LYS A 307 7.02 12.78 17.93
CA LYS A 307 6.82 13.95 17.07
C LYS A 307 8.12 14.38 16.39
N ASP A 308 9.22 14.44 17.16
CA ASP A 308 10.53 14.80 16.62
C ASP A 308 11.01 13.76 15.62
N GLY A 309 10.91 12.48 15.97
CA GLY A 309 11.36 11.43 15.07
C GLY A 309 10.62 11.43 13.75
N ALA A 310 9.29 11.58 13.79
CA ALA A 310 8.51 11.60 12.54
C ALA A 310 8.86 12.81 11.69
N GLU A 311 9.09 13.96 12.32
CA GLU A 311 9.52 15.15 11.58
C GLU A 311 10.85 14.93 10.87
N LYS A 312 11.84 14.38 11.58
CA LYS A 312 13.12 14.05 10.95
C LYS A 312 12.94 13.06 9.81
N ALA A 313 12.17 12.00 10.04
CA ALA A 313 12.01 10.97 9.02
C ALA A 313 11.29 11.52 7.78
N SER A 314 10.14 12.19 7.98
CA SER A 314 9.40 12.73 6.85
C SER A 314 10.25 13.68 6.01
N ALA A 315 11.07 14.50 6.67
CA ALA A 315 11.94 15.41 5.94
C ALA A 315 12.83 14.67 4.95
N HIS A 316 13.40 13.53 5.37
CA HIS A 316 14.21 12.73 4.45
C HIS A 316 13.33 11.96 3.47
N ALA A 317 12.30 11.30 3.99
CA ALA A 317 11.42 10.51 3.13
C ALA A 317 10.80 11.37 2.03
N SER A 318 10.39 12.60 2.37
CA SER A 318 9.73 13.42 1.35
C SER A 318 10.67 13.75 0.20
N ARG A 319 11.97 13.92 0.47
CA ARG A 319 12.94 14.18 -0.60
C ARG A 319 13.01 13.00 -1.56
N THR A 320 13.09 11.80 -1.05
CA THR A 320 13.13 10.60 -1.92
C THR A 320 11.83 10.47 -2.71
N LEU A 321 10.69 10.57 -2.03
CA LEU A 321 9.38 10.34 -2.69
C LEU A 321 9.19 11.34 -3.83
N LYS A 322 9.59 12.58 -3.59
CA LYS A 322 9.48 13.63 -4.64
C LYS A 322 10.24 13.19 -5.88
N ALA A 323 11.45 12.69 -5.68
CA ALA A 323 12.29 12.24 -6.80
C ALA A 323 11.63 11.05 -7.49
N VAL A 324 11.09 10.14 -6.69
CA VAL A 324 10.41 9.00 -7.27
C VAL A 324 9.22 9.45 -8.10
N TYR A 325 8.39 10.32 -7.52
CA TYR A 325 7.20 10.83 -8.20
C TYR A 325 7.58 11.57 -9.48
N GLU A 326 8.65 12.38 -9.41
CA GLU A 326 9.15 13.07 -10.59
C GLU A 326 9.59 12.09 -11.67
N ALA A 327 10.34 11.05 -11.28
CA ALA A 327 10.78 10.03 -12.24
C ALA A 327 9.61 9.32 -12.89
N ILE A 328 8.61 8.93 -12.10
CA ILE A 328 7.44 8.26 -12.64
C ILE A 328 6.67 9.19 -13.58
N GLY A 329 6.66 10.49 -13.30
CA GLY A 329 5.96 11.44 -14.13
C GLY A 329 4.69 12.00 -13.53
N PHE A 330 4.34 11.66 -12.28
CA PHE A 330 3.17 12.26 -11.65
C PHE A 330 3.26 13.78 -11.68
N VAL A 331 2.11 14.43 -11.90
CA VAL A 331 2.03 15.87 -11.72
C VAL A 331 2.29 16.18 -10.25
N ALA A 332 3.18 17.14 -9.99
CA ALA A 332 3.56 17.43 -8.60
C ALA A 332 2.41 18.11 -7.86
N LYS A 333 2.30 17.81 -6.57
CA LYS A 333 1.24 18.38 -5.72
C LYS A 333 1.33 19.91 -5.67
N ARG A 334 0.17 20.54 -5.59
CA ARG A 334 0.09 22.01 -5.45
C ARG A 334 -0.24 22.26 -3.98
N HIS A 335 0.74 22.72 -3.24
CA HIS A 335 0.53 22.92 -1.78
C HIS A 335 -0.24 24.23 -1.55
N HIS A 336 -1.09 24.25 -0.52
CA HIS A 336 -1.92 25.45 -0.20
C HIS A 336 -1.05 26.63 0.28
N THR B 2 -26.48 17.34 5.32
CA THR B 2 -25.37 17.29 4.37
C THR B 2 -25.78 16.31 3.26
N LYS B 3 -25.33 16.56 2.01
CA LYS B 3 -25.75 15.73 0.88
C LYS B 3 -25.01 14.38 0.88
N PRO B 4 -25.64 13.32 0.37
CA PRO B 4 -24.88 12.08 0.12
C PRO B 4 -23.73 12.35 -0.81
N ILE B 5 -22.71 11.49 -0.73
CA ILE B 5 -21.44 11.75 -1.39
C ILE B 5 -21.30 10.80 -2.56
N VAL B 6 -20.87 11.36 -3.69
CA VAL B 6 -20.53 10.63 -4.90
C VAL B 6 -19.02 10.70 -5.08
N PHE B 7 -18.41 9.56 -5.40
CA PHE B 7 -16.98 9.49 -5.73
C PHE B 7 -16.79 8.64 -6.98
N SER B 8 -15.94 9.09 -7.90
CA SER B 8 -15.53 8.22 -8.99
C SER B 8 -14.22 8.73 -9.57
N GLY B 9 -13.54 7.85 -10.30
CA GLY B 9 -12.25 8.18 -10.84
C GLY B 9 -12.07 7.61 -12.23
N ALA B 10 -11.07 8.16 -12.94
CA ALA B 10 -10.66 7.65 -14.24
C ALA B 10 -9.14 7.78 -14.37
N GLN B 11 -8.56 6.84 -15.10
CA GLN B 11 -7.11 6.73 -15.22
C GLN B 11 -6.57 7.72 -16.25
N PRO B 12 -5.49 8.44 -15.95
CA PRO B 12 -4.77 9.18 -16.99
C PRO B 12 -3.81 8.28 -17.78
N SER B 13 -4.37 7.30 -18.46
CA SER B 13 -3.63 6.42 -19.34
C SER B 13 -4.52 6.09 -20.52
N GLY B 14 -3.92 5.76 -21.65
CA GLY B 14 -4.78 5.65 -22.83
C GLY B 14 -5.42 6.99 -23.18
N GLU B 15 -6.50 6.92 -23.96
CA GLU B 15 -7.25 8.11 -24.36
C GLU B 15 -8.73 7.82 -24.14
N LEU B 16 -9.35 8.62 -23.27
CA LEU B 16 -10.72 8.34 -22.86
C LEU B 16 -11.62 8.28 -24.08
N THR B 17 -12.53 7.31 -24.10
CA THR B 17 -13.40 7.05 -25.24
C THR B 17 -14.84 7.44 -24.93
N ILE B 18 -15.66 7.36 -25.97
CA ILE B 18 -17.10 7.52 -25.79
C ILE B 18 -17.62 6.51 -24.79
N GLY B 19 -16.96 5.36 -24.68
CA GLY B 19 -17.32 4.39 -23.64
C GLY B 19 -17.10 4.94 -22.24
N ASN B 20 -15.91 5.50 -21.99
CA ASN B 20 -15.65 6.14 -20.69
C ASN B 20 -16.68 7.23 -20.40
N TYR B 21 -17.05 8.01 -21.43
CA TYR B 21 -18.00 9.08 -21.25
C TYR B 21 -19.38 8.57 -20.87
N MET B 22 -19.92 7.66 -21.67
CA MET B 22 -21.32 7.19 -21.43
C MET B 22 -21.45 6.34 -20.15
N GLY B 23 -20.42 5.55 -19.84
CA GLY B 23 -20.51 4.70 -18.66
C GLY B 23 -20.23 5.42 -17.36
N ALA B 24 -19.61 6.60 -17.42
CA ALA B 24 -19.14 7.24 -16.21
C ALA B 24 -19.31 8.75 -16.27
N LEU B 25 -18.53 9.42 -17.12
CA LEU B 25 -18.42 10.87 -17.07
C LEU B 25 -19.77 11.56 -17.24
N ARG B 26 -20.60 11.08 -18.17
CA ARG B 26 -21.96 11.61 -18.33
C ARG B 26 -22.71 11.63 -17.02
N GLN B 27 -22.68 10.52 -16.28
CA GLN B 27 -23.36 10.48 -14.99
C GLN B 27 -22.69 11.41 -14.00
N TRP B 28 -21.35 11.46 -13.99
CA TRP B 28 -20.65 12.42 -13.14
C TRP B 28 -21.22 13.82 -13.29
N VAL B 29 -21.37 14.27 -14.54
CA VAL B 29 -21.83 15.63 -14.79
C VAL B 29 -23.24 15.82 -14.26
N ASN B 30 -24.13 14.86 -14.52
CA ASN B 30 -25.52 15.05 -14.13
C ASN B 30 -25.76 14.94 -12.62
N MET B 31 -24.83 14.39 -11.84
CA MET B 31 -25.09 14.27 -10.41
C MET B 31 -24.55 15.43 -9.57
N GLN B 32 -23.96 16.47 -10.17
CA GLN B 32 -23.19 17.48 -9.43
C GLN B 32 -24.05 18.32 -8.48
N ASP B 33 -25.30 18.59 -8.83
CA ASP B 33 -26.14 19.35 -7.91
C ASP B 33 -26.87 18.46 -6.93
N ASP B 34 -27.31 17.30 -7.40
CA ASP B 34 -28.11 16.40 -6.57
C ASP B 34 -27.32 15.82 -5.42
N TYR B 35 -26.02 15.61 -5.60
CA TYR B 35 -25.16 15.02 -4.58
C TYR B 35 -23.87 15.81 -4.44
N HIS B 36 -23.16 15.55 -3.36
CA HIS B 36 -21.84 16.13 -3.13
C HIS B 36 -20.83 15.25 -3.85
N CYS B 37 -20.34 15.72 -4.99
CA CYS B 37 -19.55 14.87 -5.88
C CYS B 37 -18.06 15.15 -5.76
N ILE B 38 -17.29 14.07 -5.85
CA ILE B 38 -15.83 14.10 -5.77
C ILE B 38 -15.30 13.25 -6.90
N TYR B 39 -14.52 13.85 -7.81
CA TYR B 39 -14.00 13.13 -8.97
C TYR B 39 -12.47 13.18 -9.00
N CYS B 40 -11.87 12.06 -9.38
CA CYS B 40 -10.45 11.81 -9.17
C CYS B 40 -9.79 11.36 -10.46
N ILE B 41 -8.59 11.89 -10.72
CA ILE B 41 -7.73 11.40 -11.79
C ILE B 41 -6.78 10.43 -11.11
N VAL B 42 -6.91 9.13 -11.37
CA VAL B 42 -6.27 8.10 -10.50
C VAL B 42 -4.94 7.73 -11.15
N ASP B 43 -3.96 8.62 -11.00
CA ASP B 43 -2.65 8.40 -11.61
C ASP B 43 -1.89 7.24 -10.96
N GLN B 44 -2.16 6.95 -9.68
CA GLN B 44 -1.54 5.79 -9.03
C GLN B 44 -2.06 4.48 -9.60
N HIS B 45 -3.34 4.43 -9.97
CA HIS B 45 -3.86 3.27 -10.67
C HIS B 45 -3.32 3.15 -12.09
N ALA B 46 -3.10 4.29 -12.75
CA ALA B 46 -2.67 4.27 -14.13
C ALA B 46 -1.34 3.53 -14.28
N ILE B 47 -0.45 3.70 -13.30
CA ILE B 47 0.90 3.13 -13.41
C ILE B 47 0.97 1.64 -13.11
N THR B 48 -0.16 0.97 -12.85
CA THR B 48 -0.20 -0.49 -12.89
C THR B 48 0.02 -1.04 -14.30
N VAL B 49 -0.08 -0.18 -15.32
CA VAL B 49 0.40 -0.48 -16.66
C VAL B 49 1.52 0.51 -16.95
N ARG B 50 2.66 0.00 -17.42
CA ARG B 50 3.85 0.84 -17.56
C ARG B 50 3.59 2.02 -18.47
N GLN B 51 3.82 3.23 -17.94
CA GLN B 51 3.62 4.48 -18.65
C GLN B 51 4.96 5.16 -18.93
N ASP B 52 5.07 5.78 -20.09
CA ASP B 52 6.13 6.77 -20.31
C ASP B 52 5.90 7.97 -19.38
N ALA B 53 6.98 8.47 -18.78
CA ALA B 53 6.81 9.51 -17.76
C ALA B 53 6.23 10.80 -18.36
N GLN B 54 6.69 11.18 -19.55
CA GLN B 54 6.13 12.38 -20.19
C GLN B 54 4.68 12.15 -20.59
N LYS B 55 4.34 10.94 -21.08
CA LYS B 55 2.96 10.64 -21.46
C LYS B 55 2.03 10.74 -20.25
N LEU B 56 2.47 10.18 -19.11
CA LEU B 56 1.67 10.15 -17.90
C LEU B 56 1.39 11.56 -17.40
N ARG B 57 2.41 12.42 -17.36
CA ARG B 57 2.17 13.78 -16.91
C ARG B 57 1.19 14.51 -17.82
N LYS B 58 1.40 14.44 -19.14
CA LYS B 58 0.48 15.09 -20.06
C LYS B 58 -0.93 14.51 -19.94
N ALA B 59 -1.04 13.18 -19.84
CA ALA B 59 -2.35 12.55 -19.77
C ALA B 59 -3.10 12.91 -18.48
N THR B 60 -2.39 13.12 -17.38
CA THR B 60 -3.05 13.59 -16.16
C THR B 60 -3.71 14.94 -16.40
N LEU B 61 -2.97 15.85 -17.04
CA LEU B 61 -3.52 17.17 -17.33
C LEU B 61 -4.57 17.10 -18.44
N ASP B 62 -4.36 16.24 -19.45
CA ASP B 62 -5.42 16.02 -20.44
C ASP B 62 -6.72 15.59 -19.78
N THR B 63 -6.63 14.64 -18.84
CA THR B 63 -7.83 14.08 -18.20
C THR B 63 -8.54 15.12 -17.35
N LEU B 64 -7.77 15.91 -16.59
CA LEU B 64 -8.34 17.01 -15.82
C LEU B 64 -9.10 17.97 -16.74
N ALA B 65 -8.48 18.41 -17.83
CA ALA B 65 -9.16 19.34 -18.73
C ALA B 65 -10.38 18.70 -19.38
N LEU B 66 -10.35 17.39 -19.58
CA LEU B 66 -11.49 16.73 -20.22
C LEU B 66 -12.66 16.64 -19.25
N TYR B 67 -12.40 16.39 -17.97
CA TYR B 67 -13.44 16.51 -16.95
C TYR B 67 -14.10 17.87 -17.04
N LEU B 68 -13.29 18.93 -17.07
CA LEU B 68 -13.84 20.28 -17.13
C LEU B 68 -14.66 20.47 -18.39
N ALA B 69 -14.13 20.00 -19.54
CA ALA B 69 -14.85 20.15 -20.81
C ALA B 69 -16.18 19.41 -20.82
N CYS B 70 -16.27 18.28 -20.11
CA CYS B 70 -17.53 17.54 -20.02
C CYS B 70 -18.57 18.28 -19.19
N GLY B 71 -18.16 19.24 -18.38
CA GLY B 71 -19.07 19.96 -17.52
C GLY B 71 -18.85 19.76 -16.03
N ILE B 72 -17.85 18.96 -15.63
CA ILE B 72 -17.51 18.90 -14.21
C ILE B 72 -17.07 20.29 -13.79
N ASP B 73 -17.73 20.81 -12.75
CA ASP B 73 -17.64 22.20 -12.38
C ASP B 73 -16.88 22.28 -11.07
N PRO B 74 -15.72 22.92 -11.02
CA PRO B 74 -14.92 22.93 -9.79
C PRO B 74 -15.54 23.77 -8.69
N GLU B 75 -16.56 24.59 -8.98
CA GLU B 75 -17.30 25.24 -7.91
C GLU B 75 -18.38 24.36 -7.32
N LYS B 76 -18.71 23.24 -7.96
CA LYS B 76 -19.72 22.31 -7.47
C LYS B 76 -19.14 21.02 -6.94
N SER B 77 -18.13 20.48 -7.61
CA SER B 77 -17.55 19.19 -7.28
C SER B 77 -16.08 19.35 -6.88
N THR B 78 -15.57 18.39 -6.13
CA THR B 78 -14.15 18.33 -5.84
C THR B 78 -13.45 17.55 -6.96
N ILE B 79 -12.41 18.14 -7.56
CA ILE B 79 -11.66 17.51 -8.65
C ILE B 79 -10.21 17.44 -8.21
N PHE B 80 -9.64 16.25 -8.22
CA PHE B 80 -8.25 16.16 -7.73
C PHE B 80 -7.52 14.98 -8.32
N VAL B 81 -6.18 15.04 -8.19
CA VAL B 81 -5.26 14.01 -8.64
C VAL B 81 -4.95 13.10 -7.46
N GLN B 82 -5.11 11.79 -7.69
CA GLN B 82 -5.01 10.79 -6.62
C GLN B 82 -3.70 10.89 -5.85
N SER B 83 -2.57 10.95 -6.54
CA SER B 83 -1.29 10.95 -5.84
C SER B 83 -1.09 12.20 -4.99
N HIS B 84 -1.91 13.26 -5.19
CA HIS B 84 -1.79 14.46 -4.34
C HIS B 84 -2.34 14.25 -2.93
N VAL B 85 -2.95 13.10 -2.64
CA VAL B 85 -3.61 12.90 -1.36
C VAL B 85 -3.05 11.61 -0.77
N PRO B 86 -2.07 11.70 0.13
CA PRO B 86 -1.39 10.48 0.61
C PRO B 86 -2.31 9.48 1.26
N GLU B 87 -3.44 9.95 1.81
CA GLU B 87 -4.37 9.06 2.52
C GLU B 87 -4.83 7.90 1.64
N HIS B 88 -4.85 8.09 0.31
CA HIS B 88 -5.25 6.99 -0.56
C HIS B 88 -4.30 5.81 -0.40
N ALA B 89 -3.00 6.07 -0.42
CA ALA B 89 -2.03 4.99 -0.28
C ALA B 89 -2.01 4.47 1.17
N GLN B 90 -2.14 5.37 2.15
CA GLN B 90 -2.16 4.92 3.53
C GLN B 90 -3.34 3.99 3.80
N LEU B 91 -4.54 4.38 3.40
CA LEU B 91 -5.68 3.51 3.65
C LEU B 91 -5.59 2.26 2.79
N GLY B 92 -5.04 2.40 1.58
CA GLY B 92 -4.84 1.23 0.73
C GLY B 92 -3.99 0.16 1.39
N TRP B 93 -2.89 0.55 2.04
CA TRP B 93 -2.11 -0.44 2.77
C TRP B 93 -2.92 -1.09 3.88
N ALA B 94 -3.59 -0.28 4.71
CA ALA B 94 -4.35 -0.84 5.81
C ALA B 94 -5.42 -1.80 5.30
N LEU B 95 -6.07 -1.46 4.19
CA LEU B 95 -7.15 -2.33 3.69
C LEU B 95 -6.62 -3.61 3.07
N ASN B 96 -5.35 -3.65 2.65
CA ASN B 96 -4.74 -4.94 2.29
C ASN B 96 -4.93 -5.98 3.37
N CYS B 97 -4.86 -5.56 4.63
CA CYS B 97 -4.88 -6.49 5.75
C CYS B 97 -6.27 -6.99 6.06
N TYR B 98 -7.29 -6.40 5.42
CA TYR B 98 -8.68 -6.83 5.56
C TYR B 98 -9.25 -7.34 4.25
N THR B 99 -8.39 -7.58 3.27
CA THR B 99 -8.74 -8.12 1.97
C THR B 99 -8.06 -9.48 1.81
N TYR B 100 -8.79 -10.45 1.28
CA TYR B 100 -8.22 -11.78 1.14
C TYR B 100 -7.59 -11.98 -0.24
N PHE B 101 -6.51 -12.77 -0.27
CA PHE B 101 -5.80 -13.03 -1.51
C PHE B 101 -6.75 -13.54 -2.60
N GLY B 102 -7.59 -14.50 -2.25
CA GLY B 102 -8.50 -15.09 -3.23
C GLY B 102 -9.47 -14.09 -3.83
N GLU B 103 -9.89 -13.09 -3.03
CA GLU B 103 -10.78 -12.05 -3.55
C GLU B 103 -10.10 -11.24 -4.65
N LEU B 104 -8.76 -11.17 -4.63
CA LEU B 104 -8.02 -10.41 -5.63
C LEU B 104 -7.66 -11.25 -6.83
N SER B 105 -7.27 -12.51 -6.59
CA SER B 105 -6.86 -13.39 -7.67
C SER B 105 -8.01 -13.70 -8.63
N ARG B 106 -9.26 -13.64 -8.15
CA ARG B 106 -10.39 -13.98 -9.00
C ARG B 106 -10.83 -12.82 -9.88
N MET B 107 -10.14 -11.69 -9.86
CA MET B 107 -10.70 -10.49 -10.46
C MET B 107 -10.55 -10.54 -11.98
N THR B 108 -11.63 -10.21 -12.69
CA THR B 108 -11.61 -10.21 -14.15
C THR B 108 -10.60 -9.21 -14.73
N GLN B 109 -10.50 -8.01 -14.13
CA GLN B 109 -9.56 -7.04 -14.67
C GLN B 109 -8.12 -7.53 -14.56
N PHE B 110 -7.75 -8.07 -13.40
CA PHE B 110 -6.38 -8.57 -13.21
C PHE B 110 -6.07 -9.67 -14.22
N LYS B 111 -7.05 -10.54 -14.49
CA LYS B 111 -6.83 -11.63 -15.43
C LYS B 111 -6.70 -11.13 -16.86
N ASP B 112 -7.59 -10.22 -17.26
CA ASP B 112 -7.53 -9.61 -18.59
C ASP B 112 -6.24 -8.79 -18.79
N LYS B 113 -5.89 -7.96 -17.80
CA LYS B 113 -4.70 -7.13 -17.93
C LYS B 113 -3.44 -7.98 -17.92
N SER B 114 -3.41 -9.04 -17.10
CA SER B 114 -2.26 -9.93 -17.06
C SER B 114 -2.03 -10.59 -18.41
N ALA B 115 -3.11 -11.01 -19.07
CA ALA B 115 -2.98 -11.64 -20.38
C ALA B 115 -2.49 -10.64 -21.41
N ARG B 116 -2.84 -9.37 -21.25
CA ARG B 116 -2.38 -8.38 -22.21
C ARG B 116 -0.96 -7.94 -21.93
N TYR B 117 -0.54 -7.96 -20.67
CA TYR B 117 0.80 -7.47 -20.32
C TYR B 117 1.57 -8.56 -19.56
N ALA B 118 1.81 -9.70 -20.21
CA ALA B 118 2.50 -10.84 -19.56
C ALA B 118 3.89 -10.46 -19.06
N GLU B 119 4.49 -9.46 -19.66
CA GLU B 119 5.85 -9.01 -19.29
C GLU B 119 5.81 -8.11 -18.05
N ASN B 120 4.63 -7.62 -17.69
CA ASN B 120 4.53 -6.70 -16.53
C ASN B 120 3.35 -7.09 -15.64
N ILE B 121 3.29 -8.35 -15.22
CA ILE B 121 2.28 -8.71 -14.23
C ILE B 121 2.82 -8.31 -12.87
N ASN B 122 2.46 -7.13 -12.41
CA ASN B 122 3.09 -6.56 -11.23
C ASN B 122 2.11 -6.56 -10.06
N ALA B 123 2.66 -6.38 -8.86
CA ALA B 123 1.86 -6.43 -7.64
C ALA B 123 0.84 -5.29 -7.59
N GLY B 124 1.13 -4.15 -8.21
CA GLY B 124 0.13 -3.08 -8.24
C GLY B 124 -1.09 -3.48 -9.03
N LEU B 125 -0.89 -4.14 -10.18
CA LEU B 125 -2.00 -4.66 -10.97
C LEU B 125 -2.85 -5.64 -10.17
N PHE B 126 -2.21 -6.47 -9.34
CA PHE B 126 -2.94 -7.43 -8.52
C PHE B 126 -3.69 -6.75 -7.38
N ASP B 127 -3.05 -5.77 -6.76
CA ASP B 127 -3.56 -5.04 -5.60
C ASP B 127 -4.50 -3.89 -5.99
N TYR B 128 -4.66 -3.64 -7.30
CA TYR B 128 -5.54 -2.60 -7.84
C TYR B 128 -6.87 -2.45 -7.10
N PRO B 129 -7.63 -3.51 -6.81
CA PRO B 129 -8.94 -3.29 -6.17
C PRO B 129 -8.85 -2.74 -4.75
N VAL B 130 -7.76 -3.03 -4.04
CA VAL B 130 -7.66 -2.54 -2.67
C VAL B 130 -7.46 -1.04 -2.64
N LEU B 131 -6.57 -0.53 -3.51
CA LEU B 131 -6.40 0.91 -3.64
C LEU B 131 -7.70 1.58 -4.08
N MET B 132 -8.44 0.94 -5.00
CA MET B 132 -9.75 1.47 -5.40
C MET B 132 -10.73 1.51 -4.24
N ALA B 133 -10.78 0.44 -3.44
CA ALA B 133 -11.63 0.47 -2.25
C ALA B 133 -11.23 1.61 -1.33
N ALA B 134 -9.93 1.86 -1.17
CA ALA B 134 -9.50 3.00 -0.34
C ALA B 134 -9.98 4.32 -0.93
N ASP B 135 -9.80 4.49 -2.26
CA ASP B 135 -10.31 5.68 -2.96
C ASP B 135 -11.76 5.98 -2.55
N ILE B 136 -12.59 4.95 -2.53
CA ILE B 136 -14.02 5.15 -2.29
C ILE B 136 -14.32 5.38 -0.82
N LEU B 137 -13.74 4.53 0.05
CA LEU B 137 -14.12 4.54 1.46
C LEU B 137 -13.59 5.76 2.18
N LEU B 138 -12.52 6.40 1.68
CA LEU B 138 -11.99 7.59 2.34
C LEU B 138 -13.02 8.70 2.44
N TYR B 139 -13.95 8.79 1.50
CA TYR B 139 -14.82 9.94 1.39
C TYR B 139 -16.22 9.68 1.94
N GLN B 140 -16.41 8.61 2.72
CA GLN B 140 -17.75 8.27 3.22
C GLN B 140 -18.74 8.19 2.06
N THR B 141 -18.30 7.57 0.98
CA THR B 141 -19.01 7.61 -0.30
C THR B 141 -20.29 6.79 -0.25
N ASN B 142 -21.38 7.36 -0.74
CA ASN B 142 -22.64 6.66 -0.87
C ASN B 142 -22.86 6.06 -2.27
N LEU B 143 -22.46 6.77 -3.33
CA LEU B 143 -22.75 6.33 -4.69
C LEU B 143 -21.47 6.39 -5.51
N VAL B 144 -21.22 5.37 -6.31
CA VAL B 144 -20.04 5.31 -7.15
C VAL B 144 -20.49 5.10 -8.59
N PRO B 145 -20.49 6.16 -9.43
CA PRO B 145 -20.92 6.03 -10.83
C PRO B 145 -19.80 5.49 -11.71
N VAL B 146 -19.99 4.27 -12.22
CA VAL B 146 -18.99 3.55 -13.00
C VAL B 146 -19.72 2.80 -14.12
N GLY B 147 -18.92 2.32 -15.10
CA GLY B 147 -19.42 1.38 -16.07
C GLY B 147 -19.51 -0.03 -15.52
N GLU B 148 -20.12 -0.93 -16.31
CA GLU B 148 -20.35 -2.30 -15.87
C GLU B 148 -19.05 -3.02 -15.52
N ASP B 149 -17.97 -2.73 -16.27
CA ASP B 149 -16.72 -3.46 -16.07
C ASP B 149 -16.13 -3.25 -14.67
N GLN B 150 -16.58 -2.22 -13.96
CA GLN B 150 -16.05 -1.95 -12.62
C GLN B 150 -16.96 -2.51 -11.54
N LYS B 151 -18.03 -3.21 -11.90
CA LYS B 151 -18.95 -3.76 -10.91
C LYS B 151 -18.22 -4.66 -9.92
N GLN B 152 -17.42 -5.59 -10.42
CA GLN B 152 -16.77 -6.55 -9.53
C GLN B 152 -15.88 -5.83 -8.50
N HIS B 153 -15.20 -4.76 -8.92
CA HIS B 153 -14.37 -4.00 -8.00
C HIS B 153 -15.19 -3.27 -6.95
N LEU B 154 -16.30 -2.64 -7.36
CA LEU B 154 -17.18 -1.98 -6.40
C LEU B 154 -17.71 -2.97 -5.35
N GLU B 155 -18.10 -4.16 -5.80
CA GLU B 155 -18.62 -5.17 -4.90
C GLU B 155 -17.60 -5.54 -3.83
N LEU B 156 -16.33 -5.70 -4.21
CA LEU B 156 -15.30 -5.97 -3.21
C LEU B 156 -15.19 -4.82 -2.22
N SER B 157 -15.24 -3.57 -2.70
CA SER B 157 -15.13 -2.44 -1.80
C SER B 157 -16.27 -2.43 -0.80
N ARG B 158 -17.45 -2.89 -1.21
CA ARG B 158 -18.56 -3.08 -0.26
C ARG B 158 -18.23 -4.17 0.75
N ASP B 159 -17.63 -5.29 0.30
CA ASP B 159 -17.32 -6.37 1.22
C ASP B 159 -16.27 -5.94 2.24
N ILE B 160 -15.32 -5.11 1.79
CA ILE B 160 -14.29 -4.60 2.69
C ILE B 160 -14.90 -3.65 3.71
N ALA B 161 -15.75 -2.73 3.26
CA ALA B 161 -16.39 -1.80 4.18
C ALA B 161 -17.16 -2.55 5.25
N GLN B 162 -17.93 -3.57 4.84
CA GLN B 162 -18.74 -4.33 5.79
C GLN B 162 -17.88 -5.13 6.77
N ARG B 163 -16.82 -5.75 6.26
CA ARG B 163 -15.92 -6.54 7.11
C ARG B 163 -15.24 -5.66 8.16
N PHE B 164 -14.71 -4.52 7.74
CA PHE B 164 -14.08 -3.58 8.66
C PHE B 164 -15.08 -3.04 9.67
N ASN B 165 -16.26 -2.61 9.20
CA ASN B 165 -17.27 -2.06 10.10
C ASN B 165 -17.70 -3.08 11.13
N ALA B 166 -17.81 -4.35 10.72
CA ALA B 166 -18.30 -5.37 11.64
C ALA B 166 -17.32 -5.58 12.79
N LEU B 167 -16.03 -5.33 12.58
CA LEU B 167 -15.06 -5.39 13.67
C LEU B 167 -14.95 -4.10 14.47
N TYR B 168 -15.09 -2.95 13.83
CA TYR B 168 -14.65 -1.69 14.42
C TYR B 168 -15.74 -0.64 14.65
N GLY B 169 -16.95 -0.83 14.12
CA GLY B 169 -17.99 0.17 14.22
C GLY B 169 -18.28 0.83 12.89
N GLU B 170 -18.97 1.96 12.95
CA GLU B 170 -19.45 2.60 11.72
C GLU B 170 -18.39 3.54 11.12
N ILE B 171 -17.25 2.94 10.74
CA ILE B 171 -16.14 3.73 10.21
C ILE B 171 -16.36 4.13 8.76
N PHE B 172 -16.88 3.21 7.95
CA PHE B 172 -17.13 3.44 6.53
C PHE B 172 -18.61 3.45 6.23
N LYS B 173 -18.99 4.22 5.21
CA LYS B 173 -20.28 3.98 4.57
C LYS B 173 -20.11 2.84 3.59
N VAL B 174 -21.18 2.06 3.39
CA VAL B 174 -21.19 0.99 2.40
C VAL B 174 -21.65 1.58 1.07
N PRO B 175 -20.77 1.67 0.07
CA PRO B 175 -21.14 2.37 -1.16
C PRO B 175 -22.02 1.50 -2.05
N GLU B 176 -22.75 2.17 -2.94
CA GLU B 176 -23.58 1.50 -3.90
C GLU B 176 -23.17 1.89 -5.31
N PRO B 177 -23.19 0.96 -6.26
CA PRO B 177 -22.87 1.33 -7.65
C PRO B 177 -23.97 2.17 -8.25
N PHE B 178 -23.59 3.06 -9.15
CA PHE B 178 -24.51 3.81 -9.99
C PHE B 178 -24.09 3.56 -11.45
N ILE B 179 -24.74 2.58 -12.08
CA ILE B 179 -24.40 2.13 -13.42
C ILE B 179 -25.56 2.48 -14.35
N PRO B 180 -25.33 3.18 -15.45
CA PRO B 180 -26.45 3.65 -16.29
C PRO B 180 -27.17 2.51 -16.98
N LYS B 181 -28.42 2.81 -17.37
CA LYS B 181 -29.20 1.86 -18.17
C LYS B 181 -28.73 1.82 -19.62
N SER B 182 -28.35 2.96 -20.19
CA SER B 182 -27.75 2.98 -21.52
C SER B 182 -26.26 3.27 -21.41
N GLY B 183 -25.46 2.65 -22.28
CA GLY B 183 -24.06 2.99 -22.40
C GLY B 183 -23.17 2.57 -21.25
N ALA B 184 -23.58 1.58 -20.45
CA ALA B 184 -22.74 1.10 -19.36
C ALA B 184 -21.57 0.26 -19.84
N ARG B 185 -21.61 -0.22 -21.09
CA ARG B 185 -20.58 -1.10 -21.64
C ARG B 185 -20.57 -0.93 -23.17
N VAL B 186 -20.09 0.23 -23.62
CA VAL B 186 -20.03 0.49 -25.06
C VAL B 186 -19.00 -0.45 -25.68
N MET B 187 -19.32 -0.98 -26.86
CA MET B 187 -18.57 -2.08 -27.45
C MET B 187 -17.70 -1.57 -28.60
N SER B 188 -16.65 -2.34 -28.91
CA SER B 188 -15.72 -2.00 -29.99
C SER B 188 -16.41 -2.04 -31.36
N LEU B 189 -16.01 -1.09 -32.21
CA LEU B 189 -16.71 -0.87 -33.48
C LEU B 189 -16.47 -2.00 -34.48
N LEU B 190 -15.28 -2.62 -34.46
CA LEU B 190 -15.02 -3.72 -35.37
C LEU B 190 -15.12 -5.07 -34.68
N GLU B 191 -15.33 -5.08 -33.36
CA GLU B 191 -15.42 -6.33 -32.61
C GLU B 191 -16.46 -6.13 -31.50
N PRO B 192 -17.74 -6.05 -31.88
CA PRO B 192 -18.77 -5.60 -30.93
C PRO B 192 -19.05 -6.59 -29.80
N THR B 193 -18.33 -7.71 -29.72
CA THR B 193 -18.40 -8.55 -28.54
C THR B 193 -17.33 -8.20 -27.50
N LYS B 194 -16.48 -7.21 -27.78
CA LYS B 194 -15.42 -6.79 -26.87
C LYS B 194 -15.70 -5.36 -26.43
N LYS B 195 -15.59 -5.11 -25.12
CA LYS B 195 -15.71 -3.77 -24.58
C LYS B 195 -14.81 -2.81 -25.36
N MET B 196 -15.29 -1.59 -25.59
CA MET B 196 -14.44 -0.57 -26.18
C MET B 196 -13.35 -0.14 -25.19
N SER B 197 -12.10 -0.11 -25.66
CA SER B 197 -10.93 0.07 -24.83
C SER B 197 -10.33 1.46 -25.03
N LYS B 198 -9.87 2.06 -23.95
CA LYS B 198 -9.16 3.32 -24.16
C LYS B 198 -7.71 3.11 -24.55
N SER B 199 -7.26 1.87 -24.69
CA SER B 199 -5.87 1.56 -25.04
C SER B 199 -5.80 0.51 -26.14
N ASP B 200 -6.78 0.53 -27.05
CA ASP B 200 -6.83 -0.48 -28.10
C ASP B 200 -5.70 -0.29 -29.09
N ASP B 201 -5.07 -1.40 -29.47
CA ASP B 201 -4.04 -1.34 -30.51
C ASP B 201 -4.63 -1.00 -31.87
N ASN B 202 -5.91 -1.27 -32.06
CA ASN B 202 -6.64 -0.99 -33.30
C ASN B 202 -7.54 0.21 -33.02
N ARG B 203 -7.09 1.40 -33.43
CA ARG B 203 -7.85 2.62 -33.20
C ARG B 203 -9.21 2.61 -33.88
N ASN B 204 -9.37 1.81 -34.93
CA ASN B 204 -10.65 1.74 -35.62
C ASN B 204 -11.75 1.12 -34.76
N ASN B 205 -11.38 0.51 -33.64
CA ASN B 205 -12.36 0.01 -32.70
C ASN B 205 -12.95 1.09 -31.81
N VAL B 206 -12.35 2.28 -31.74
CA VAL B 206 -12.68 3.20 -30.67
C VAL B 206 -13.14 4.54 -31.24
N ILE B 207 -13.89 5.26 -30.43
CA ILE B 207 -14.25 6.65 -30.66
C ILE B 207 -13.62 7.41 -29.49
N GLY B 208 -12.49 8.08 -29.73
CA GLY B 208 -11.85 8.82 -28.67
C GLY B 208 -12.50 10.18 -28.48
N LEU B 209 -12.55 10.61 -27.22
CA LEU B 209 -13.17 11.90 -26.91
C LEU B 209 -12.44 13.06 -27.57
N LEU B 210 -11.12 12.93 -27.75
CA LEU B 210 -10.32 14.00 -28.32
C LEU B 210 -9.94 13.72 -29.76
N GLU B 211 -10.52 12.69 -30.36
CA GLU B 211 -10.25 12.35 -31.74
C GLU B 211 -10.96 13.31 -32.71
N ASP B 212 -10.31 13.52 -33.87
CA ASP B 212 -10.85 14.31 -34.96
C ASP B 212 -12.25 13.82 -35.32
N PRO B 213 -13.30 14.64 -35.17
CA PRO B 213 -14.66 14.18 -35.52
C PRO B 213 -14.79 13.57 -36.90
N LYS B 214 -14.07 14.08 -37.90
CA LYS B 214 -14.15 13.50 -39.24
C LYS B 214 -13.62 12.07 -39.25
N SER B 215 -12.55 11.81 -38.48
CA SER B 215 -12.03 10.46 -38.32
C SER B 215 -13.05 9.56 -37.64
N VAL B 216 -13.74 10.08 -36.63
CA VAL B 216 -14.76 9.32 -35.91
C VAL B 216 -15.90 8.94 -36.84
N VAL B 217 -16.34 9.88 -37.69
CA VAL B 217 -17.46 9.60 -38.60
C VAL B 217 -17.11 8.50 -39.60
N LYS B 218 -15.86 8.49 -40.08
CA LYS B 218 -15.43 7.39 -40.95
C LYS B 218 -15.49 6.05 -40.20
N LYS B 219 -15.06 6.04 -38.95
CA LYS B 219 -15.05 4.82 -38.14
C LYS B 219 -16.45 4.32 -37.89
N ILE B 220 -17.37 5.23 -37.62
CA ILE B 220 -18.76 4.83 -37.48
C ILE B 220 -19.28 4.14 -38.74
N LYS B 221 -19.05 4.71 -39.93
CA LYS B 221 -19.58 4.00 -41.09
C LYS B 221 -19.01 2.63 -41.34
N ARG B 222 -17.81 2.39 -40.87
CA ARG B 222 -17.20 1.10 -41.09
C ARG B 222 -17.49 0.14 -39.97
N ALA B 223 -18.26 0.55 -38.96
CA ALA B 223 -18.56 -0.36 -37.85
C ALA B 223 -19.30 -1.57 -38.37
N VAL B 224 -18.94 -2.75 -37.84
CA VAL B 224 -19.53 -3.97 -38.37
C VAL B 224 -20.98 -4.10 -37.89
N THR B 225 -21.83 -4.65 -38.76
CA THR B 225 -23.25 -4.82 -38.45
C THR B 225 -23.54 -6.31 -38.57
N ASP B 226 -24.42 -6.70 -39.49
CA ASP B 226 -24.76 -8.11 -39.63
C ASP B 226 -25.24 -8.35 -41.06
N SER B 227 -25.51 -9.61 -41.37
CA SER B 227 -25.91 -10.04 -42.69
C SER B 227 -27.41 -10.13 -42.87
N ASP B 228 -28.18 -9.59 -41.92
CA ASP B 228 -29.66 -9.74 -41.98
C ASP B 228 -30.22 -9.24 -43.32
N GLU B 229 -31.10 -10.04 -43.90
CA GLU B 229 -31.74 -9.66 -45.16
C GLU B 229 -33.25 -9.80 -44.98
N PRO B 230 -34.02 -8.71 -45.06
CA PRO B 230 -33.45 -7.37 -45.20
C PRO B 230 -32.73 -6.81 -43.97
N PRO B 231 -31.84 -5.82 -44.13
CA PRO B 231 -31.26 -5.17 -42.95
C PRO B 231 -32.36 -4.54 -42.12
N VAL B 232 -32.28 -4.69 -40.80
CA VAL B 232 -33.32 -4.21 -39.90
C VAL B 232 -32.66 -3.64 -38.66
N VAL B 233 -33.11 -2.45 -38.25
CA VAL B 233 -32.57 -1.77 -37.08
C VAL B 233 -33.36 -2.25 -35.88
N ARG B 234 -32.80 -3.22 -35.15
CA ARG B 234 -33.50 -3.84 -34.03
C ARG B 234 -32.46 -4.25 -32.99
N TYR B 235 -32.82 -4.13 -31.70
CA TYR B 235 -31.87 -4.41 -30.62
C TYR B 235 -31.87 -5.90 -30.28
N ASP B 236 -30.70 -6.50 -30.36
CA ASP B 236 -30.49 -7.92 -30.13
C ASP B 236 -28.99 -8.15 -29.96
N VAL B 237 -28.51 -8.16 -28.71
CA VAL B 237 -27.05 -8.21 -28.50
C VAL B 237 -26.49 -9.52 -29.01
N GLN B 238 -27.26 -10.60 -28.89
CA GLN B 238 -26.75 -11.93 -29.26
C GLN B 238 -26.55 -12.04 -30.77
N ASN B 239 -27.54 -11.61 -31.56
CA ASN B 239 -27.51 -11.82 -33.01
C ASN B 239 -27.17 -10.56 -33.80
N LYS B 240 -27.30 -9.37 -33.20
CA LYS B 240 -27.01 -8.11 -33.90
C LYS B 240 -26.15 -7.22 -32.99
N ALA B 241 -24.96 -7.71 -32.64
CA ALA B 241 -24.13 -6.98 -31.67
C ALA B 241 -23.76 -5.59 -32.18
N GLY B 242 -23.39 -5.46 -33.45
CA GLY B 242 -22.93 -4.17 -33.94
C GLY B 242 -24.06 -3.16 -34.07
N VAL B 243 -25.21 -3.59 -34.57
CA VAL B 243 -26.36 -2.70 -34.68
C VAL B 243 -26.83 -2.29 -33.29
N SER B 244 -26.84 -3.25 -32.35
CA SER B 244 -27.27 -2.97 -30.99
C SER B 244 -26.35 -1.94 -30.34
N ASN B 245 -25.04 -2.10 -30.52
CA ASN B 245 -24.07 -1.17 -29.95
C ASN B 245 -24.28 0.22 -30.51
N LEU B 246 -24.52 0.32 -31.82
CA LEU B 246 -24.82 1.61 -32.44
C LEU B 246 -26.08 2.23 -31.84
N LEU B 247 -27.16 1.46 -31.71
CA LEU B 247 -28.35 1.97 -31.05
C LEU B 247 -28.06 2.45 -29.64
N ASP B 248 -27.22 1.70 -28.90
CA ASP B 248 -26.87 2.06 -27.53
C ASP B 248 -26.16 3.42 -27.49
N ILE B 249 -25.15 3.60 -28.36
CA ILE B 249 -24.48 4.89 -28.46
C ILE B 249 -25.46 6.01 -28.80
N LEU B 250 -26.35 5.75 -29.75
CA LEU B 250 -27.32 6.77 -30.15
C LEU B 250 -28.24 7.14 -29.02
N SER B 251 -28.81 6.12 -28.36
CA SER B 251 -29.68 6.38 -27.21
C SER B 251 -28.93 7.18 -26.14
N ALA B 252 -27.69 6.79 -25.87
CA ALA B 252 -26.94 7.44 -24.80
C ALA B 252 -26.59 8.90 -25.14
N VAL B 253 -26.39 9.23 -26.41
CA VAL B 253 -26.09 10.61 -26.77
C VAL B 253 -27.36 11.46 -26.82
N THR B 254 -28.45 10.91 -27.37
CA THR B 254 -29.65 11.70 -27.60
C THR B 254 -30.61 11.66 -26.42
N GLY B 255 -30.48 10.69 -25.52
CA GLY B 255 -31.44 10.49 -24.46
C GLY B 255 -32.68 9.74 -24.87
N GLN B 256 -32.77 9.32 -26.13
CA GLN B 256 -33.93 8.60 -26.64
C GLN B 256 -33.85 7.13 -26.26
N SER B 257 -35.01 6.52 -26.03
CA SER B 257 -35.08 5.11 -25.70
C SER B 257 -34.81 4.26 -26.94
N ILE B 258 -34.46 3.01 -26.71
CA ILE B 258 -34.24 2.09 -27.85
C ILE B 258 -35.57 1.84 -28.55
N PRO B 259 -36.66 1.56 -27.82
CA PRO B 259 -37.97 1.43 -28.46
C PRO B 259 -38.26 2.62 -29.39
N GLU B 260 -38.05 3.84 -28.89
CA GLU B 260 -38.24 5.05 -29.74
C GLU B 260 -37.36 4.95 -30.98
N LEU B 261 -36.07 4.66 -30.78
CA LEU B 261 -35.12 4.57 -31.91
C LEU B 261 -35.56 3.48 -32.88
N GLU B 262 -35.98 2.35 -32.35
CA GLU B 262 -36.44 1.27 -33.23
C GLU B 262 -37.61 1.73 -34.09
N LYS B 263 -38.55 2.46 -33.48
CA LYS B 263 -39.69 2.96 -34.27
C LYS B 263 -39.23 4.00 -35.27
N GLN B 264 -38.28 4.86 -34.87
CA GLN B 264 -37.76 5.88 -35.77
C GLN B 264 -37.06 5.28 -36.98
N PHE B 265 -36.51 4.07 -36.85
CA PHE B 265 -35.76 3.44 -37.92
C PHE B 265 -36.58 2.38 -38.67
N GLU B 266 -37.87 2.24 -38.35
CA GLU B 266 -38.72 1.33 -39.08
C GLU B 266 -38.70 1.69 -40.56
N GLY B 267 -38.51 0.67 -41.42
CA GLY B 267 -38.41 0.89 -42.84
C GLY B 267 -37.08 1.46 -43.31
N LYS B 268 -36.11 1.64 -42.42
CA LYS B 268 -34.80 2.14 -42.77
C LYS B 268 -33.76 1.05 -42.49
N MET B 269 -32.54 1.28 -42.96
CA MET B 269 -31.48 0.29 -42.86
C MET B 269 -30.27 0.92 -42.18
N TYR B 270 -29.09 0.35 -42.40
CA TYR B 270 -27.94 0.75 -41.58
C TYR B 270 -27.34 2.09 -42.00
N GLY B 271 -27.61 2.55 -43.23
CA GLY B 271 -27.18 3.88 -43.62
C GLY B 271 -27.85 4.97 -42.80
N HIS B 272 -29.16 4.86 -42.60
CA HIS B 272 -29.86 5.82 -41.74
C HIS B 272 -29.36 5.73 -40.30
N LEU B 273 -29.21 4.50 -39.80
CA LEU B 273 -28.71 4.30 -38.45
C LEU B 273 -27.33 4.92 -38.26
N LYS B 274 -26.40 4.61 -39.17
CA LYS B 274 -25.04 5.13 -39.01
C LYS B 274 -24.97 6.63 -39.26
N GLY B 275 -25.84 7.15 -40.14
CA GLY B 275 -25.87 8.59 -40.36
C GLY B 275 -26.28 9.38 -39.12
N GLU B 276 -27.28 8.88 -38.39
CA GLU B 276 -27.69 9.58 -37.16
C GLU B 276 -26.68 9.39 -36.04
N VAL B 277 -26.06 8.21 -35.94
CA VAL B 277 -25.05 7.99 -34.92
C VAL B 277 -23.87 8.93 -35.13
N ALA B 278 -23.36 8.98 -36.37
CA ALA B 278 -22.24 9.85 -36.69
C ALA B 278 -22.60 11.32 -36.52
N ASP B 279 -23.82 11.71 -36.88
CA ASP B 279 -24.26 13.09 -36.69
C ASP B 279 -24.23 13.47 -35.22
N ALA B 280 -24.82 12.64 -34.37
CA ALA B 280 -24.93 12.95 -32.95
C ALA B 280 -23.58 12.93 -32.26
N VAL B 281 -22.74 11.95 -32.59
CA VAL B 281 -21.42 11.85 -31.96
C VAL B 281 -20.51 12.95 -32.47
N SER B 282 -20.53 13.22 -33.79
CA SER B 282 -19.67 14.28 -34.31
C SER B 282 -20.01 15.62 -33.65
N GLY B 283 -21.29 15.91 -33.46
CA GLY B 283 -21.67 17.14 -32.79
C GLY B 283 -21.22 17.20 -31.34
N MET B 284 -21.39 16.10 -30.60
CA MET B 284 -20.94 16.06 -29.22
C MET B 284 -19.43 16.32 -29.09
N LEU B 285 -18.64 15.63 -29.91
CA LEU B 285 -17.18 15.74 -29.82
C LEU B 285 -16.68 17.12 -30.26
N THR B 286 -17.32 17.70 -31.28
CA THR B 286 -16.92 19.05 -31.70
C THR B 286 -17.09 20.05 -30.56
N GLU B 287 -18.25 20.03 -29.90
CA GLU B 287 -18.50 20.97 -28.80
C GLU B 287 -17.61 20.65 -27.61
N LEU B 288 -17.49 19.37 -27.27
CA LEU B 288 -16.58 18.95 -26.20
C LEU B 288 -15.18 19.48 -26.43
N GLN B 289 -14.68 19.29 -27.65
CA GLN B 289 -13.27 19.60 -27.91
C GLN B 289 -13.04 21.11 -27.91
N GLU B 290 -14.03 21.88 -28.35
CA GLU B 290 -13.93 23.34 -28.29
C GLU B 290 -13.77 23.82 -26.84
N ARG B 291 -14.59 23.29 -25.93
CA ARG B 291 -14.41 23.63 -24.53
C ARG B 291 -13.07 23.13 -24.02
N TYR B 292 -12.66 21.93 -24.48
CA TYR B 292 -11.45 21.29 -23.97
C TYR B 292 -10.23 22.18 -24.12
N HIS B 293 -10.05 22.79 -25.29
CA HIS B 293 -8.81 23.52 -25.51
C HIS B 293 -8.73 24.79 -24.66
N ARG B 294 -9.87 25.40 -24.40
CA ARG B 294 -9.87 26.59 -23.52
C ARG B 294 -9.43 26.17 -22.12
N PHE B 295 -9.78 24.96 -21.70
CA PHE B 295 -9.31 24.55 -20.37
C PHE B 295 -7.88 24.02 -20.41
N ARG B 296 -7.56 23.23 -21.44
CA ARG B 296 -6.30 22.49 -21.47
C ARG B 296 -5.09 23.41 -21.62
N ASN B 297 -5.26 24.56 -22.27
CA ASN B 297 -4.17 25.49 -22.50
C ASN B 297 -4.11 26.60 -21.46
N ASP B 298 -4.90 26.50 -20.39
CA ASP B 298 -4.92 27.49 -19.32
C ASP B 298 -4.26 26.83 -18.10
N GLU B 299 -2.92 26.80 -18.08
CA GLU B 299 -2.25 26.05 -17.02
C GLU B 299 -2.53 26.65 -15.65
N ALA B 300 -2.68 27.96 -15.56
CA ALA B 300 -2.98 28.58 -14.27
C ALA B 300 -4.31 28.07 -13.73
N PHE B 301 -5.30 27.89 -14.59
CA PHE B 301 -6.60 27.42 -14.12
C PHE B 301 -6.53 25.94 -13.71
N LEU B 302 -5.84 25.11 -14.49
CA LEU B 302 -5.69 23.71 -14.12
C LEU B 302 -4.92 23.58 -12.81
N GLN B 303 -3.88 24.41 -12.62
CA GLN B 303 -3.11 24.39 -11.38
C GLN B 303 -4.00 24.75 -10.20
N GLN B 304 -4.86 25.73 -10.39
CA GLN B 304 -5.75 26.17 -9.29
C GLN B 304 -6.75 25.06 -8.96
N VAL B 305 -7.33 24.44 -9.99
CA VAL B 305 -8.33 23.39 -9.73
C VAL B 305 -7.69 22.26 -8.93
N MET B 306 -6.47 21.90 -9.30
CA MET B 306 -5.75 20.80 -8.66
C MET B 306 -5.48 21.14 -7.19
N LYS B 307 -5.07 22.38 -6.92
CA LYS B 307 -4.75 22.81 -5.57
C LYS B 307 -5.99 22.82 -4.68
N ASP B 308 -7.05 23.48 -5.11
CA ASP B 308 -8.28 23.54 -4.32
C ASP B 308 -8.86 22.15 -4.12
N GLY B 309 -8.81 21.33 -5.16
CA GLY B 309 -9.39 20.00 -5.08
C GLY B 309 -8.66 19.10 -4.10
N ALA B 310 -7.33 19.14 -4.13
CA ALA B 310 -6.58 18.33 -3.18
C ALA B 310 -6.86 18.80 -1.75
N GLU B 311 -7.02 20.11 -1.56
CA GLU B 311 -7.32 20.62 -0.23
C GLU B 311 -8.67 20.13 0.27
N LYS B 312 -9.71 20.22 -0.57
CA LYS B 312 -11.02 19.71 -0.18
C LYS B 312 -10.95 18.21 0.11
N ALA B 313 -10.39 17.43 -0.82
CA ALA B 313 -10.32 15.98 -0.60
C ALA B 313 -9.57 15.64 0.68
N SER B 314 -8.46 16.35 0.94
CA SER B 314 -7.62 16.02 2.09
C SER B 314 -8.39 16.16 3.39
N ALA B 315 -9.21 17.20 3.50
CA ALA B 315 -10.00 17.40 4.70
C ALA B 315 -10.93 16.21 4.95
N HIS B 316 -11.52 15.65 3.91
CA HIS B 316 -12.39 14.47 4.11
C HIS B 316 -11.54 13.23 4.38
N ALA B 317 -10.52 13.05 3.57
CA ALA B 317 -9.74 11.83 3.66
C ALA B 317 -9.02 11.74 5.00
N SER B 318 -8.45 12.86 5.47
CA SER B 318 -7.74 12.81 6.75
C SER B 318 -8.67 12.42 7.88
N ARG B 319 -9.92 12.89 7.83
CA ARG B 319 -10.87 12.53 8.88
C ARG B 319 -11.14 11.03 8.88
N THR B 320 -11.33 10.43 7.71
CA THR B 320 -11.61 9.00 7.68
C THR B 320 -10.38 8.20 8.13
N LEU B 321 -9.21 8.55 7.61
CA LEU B 321 -8.00 7.81 7.97
C LEU B 321 -7.74 7.86 9.48
N LYS B 322 -7.92 9.01 10.11
CA LYS B 322 -7.72 9.08 11.56
C LYS B 322 -8.65 8.11 12.29
N ALA B 323 -9.92 8.03 11.88
CA ALA B 323 -10.82 7.08 12.52
C ALA B 323 -10.38 5.65 12.25
N VAL B 324 -9.90 5.37 11.04
CA VAL B 324 -9.39 4.03 10.72
C VAL B 324 -8.19 3.70 11.59
N TYR B 325 -7.25 4.64 11.70
CA TYR B 325 -6.05 4.39 12.49
C TYR B 325 -6.38 4.24 13.98
N GLU B 326 -7.40 4.96 14.47
CA GLU B 326 -7.79 4.79 15.87
C GLU B 326 -8.41 3.41 16.08
N ALA B 327 -9.25 2.96 15.14
CA ALA B 327 -9.91 1.67 15.27
C ALA B 327 -8.92 0.51 15.25
N ILE B 328 -7.97 0.53 14.32
CA ILE B 328 -7.07 -0.62 14.23
C ILE B 328 -6.05 -0.63 15.35
N GLY B 329 -5.82 0.50 16.01
CA GLY B 329 -4.98 0.53 17.19
C GLY B 329 -3.61 1.19 17.05
N PHE B 330 -3.43 2.06 16.06
CA PHE B 330 -2.18 2.81 15.92
C PHE B 330 -2.12 3.94 16.94
N VAL B 331 -0.92 4.25 17.41
CA VAL B 331 -0.71 5.47 18.17
C VAL B 331 -0.93 6.65 17.24
N ALA B 332 -1.84 7.55 17.61
CA ALA B 332 -2.16 8.65 16.71
C ALA B 332 -0.99 9.61 16.58
N LYS B 333 -0.76 10.07 15.36
CA LYS B 333 0.27 11.06 15.09
C LYS B 333 -0.01 12.38 15.79
N ARG B 334 1.06 12.99 16.31
CA ARG B 334 0.99 14.31 16.93
C ARG B 334 0.65 15.40 15.90
O1 A1ERR C . 9.73 -10.52 8.39
C2 A1ERR C . 8.51 -10.50 8.35
N3 A1ERR C . 7.66 -11.58 8.31
C4 A1ERR C . 8.11 -12.99 8.38
C5 A1ERR C . 8.50 -13.39 9.80
C6 A1ERR C . 8.87 -14.85 9.84
N7 A1ERR C . 9.97 -15.13 8.87
C8 A1ERR C . 9.57 -14.78 7.49
C9 A1ERR C . 9.21 -13.31 7.39
C10 A1ERR C . 6.35 -11.13 8.29
N11 A1ERR C . 5.25 -11.89 8.31
C12 A1ERR C . 4.14 -11.14 8.36
N13 A1ERR C . 4.04 -9.81 8.38
C14 A1ERR C . 5.16 -9.07 8.34
N15 A1ERR C . 5.04 -7.74 8.33
C16 A1ERR C . 6.39 -9.73 8.31
N17 A1ERR C . 7.72 -9.35 8.36
C18 A1ERR C . 8.22 -8.03 8.60
C19 A1ERR C . 7.87 -7.37 9.77
C20 A1ERR C . 8.50 -6.18 10.11
C21 A1ERR C . 9.47 -5.66 9.28
O22 A1ERR C . 10.20 -4.54 9.71
C23 A1ERR C . 11.32 -4.18 8.99
C24 A1ERR C . 12.58 -4.71 9.23
C25 A1ERR C . 13.68 -4.30 8.49
C26 A1ERR C . 15.05 -4.86 8.71
N27 A1ERR C . 15.09 -5.88 9.76
C28 A1ERR C . 15.40 -5.53 11.00
C29 A1ERR C . 15.45 -6.65 12.01
O30 A1ERR C . 15.64 -4.36 11.31
C31 A1ERR C . 13.46 -3.35 7.51
F32 A1ERR C . 14.53 -2.90 6.83
C33 A1ERR C . 12.22 -2.79 7.24
C34 A1ERR C . 11.13 -3.22 7.99
O35 A1ERR C . 9.87 -2.75 7.76
C36 A1ERR C . 9.83 -6.31 8.11
C37 A1ERR C . 9.20 -7.50 7.77
S SO4 D . 23.14 -28.84 41.70
O1 SO4 D . 22.92 -29.47 42.99
O2 SO4 D . 21.92 -28.12 41.30
O3 SO4 D . 24.25 -27.91 41.81
O4 SO4 D . 23.45 -29.86 40.70
S SO4 E . 14.35 -12.80 17.57
O1 SO4 E . 14.30 -12.61 19.02
O2 SO4 E . 13.50 -13.95 17.24
O3 SO4 E . 13.85 -11.57 16.94
O4 SO4 E . 15.73 -13.05 17.16
C1 CLW F . 1.48 0.55 -0.03
C2 CLW F . 0.25 1.14 -0.26
C3 CLW F . -0.77 0.35 -0.79
C4 CLW F . -0.56 -0.99 -1.06
C5 CLW F . 0.65 -1.59 -0.84
C6 CLW F . 1.66 -0.80 -0.31
CL1 CLW F . 3.21 -1.53 -0.03
O1 CLW F . -2.07 0.67 -1.08
C7 CLW F . -2.67 -0.48 -1.55
N1 CLW F . -1.77 -1.48 -1.53
O2 CLW F . -3.83 -0.52 -1.85
P TYM G . -10.89 3.73 -16.29
O1P TYM G . -10.37 2.55 -17.01
O2P TYM G . -10.23 5.05 -16.49
O5' TYM G . -12.45 3.86 -16.65
C5' TYM G . -13.21 5.02 -16.24
C4' TYM G . -14.68 4.69 -16.25
O4' TYM G . -15.08 4.31 -17.58
C1' TYM G . -15.84 3.11 -17.51
N9 TYM G . -15.68 2.40 -18.79
C4 TYM G . -16.67 2.17 -19.71
N3 TYM G . -17.97 2.46 -19.59
C2 TYM G . -18.65 2.10 -20.69
N1 TYM G . -18.18 1.51 -21.80
C6 TYM G . -16.87 1.23 -21.89
N6 TYM G . -16.41 0.65 -23.02
C5 TYM G . -16.05 1.57 -20.79
N7 TYM G . -14.69 1.42 -20.55
C8 TYM G . -14.54 1.92 -19.35
C2' TYM G . -15.31 2.36 -16.30
O2' TYM G . -16.28 1.43 -15.84
C3' TYM G . -15.10 3.53 -15.32
O3' TYM G . -16.29 3.85 -14.63
NH3 TYM G . -10.77 1.46 -11.87
CA TYM G . -11.44 2.64 -12.50
CB TYM G . -10.82 3.93 -12.00
CG TYM G . -10.99 4.11 -10.51
CD2 TYM G . -12.23 4.31 -9.80
CE2 TYM G . -11.91 4.39 -8.43
CE3 TYM G . -13.57 4.40 -10.19
CD1 TYM G . -10.01 4.08 -9.56
NE1 TYM G . -10.55 4.24 -8.31
CZ2 TYM G . -12.89 4.54 -7.47
CZ3 TYM G . -14.55 4.56 -9.22
CH2 TYM G . -14.22 4.62 -7.87
C TYM G . -11.34 2.48 -14.01
O TYM G . -11.64 1.48 -14.60
OPP TYM G . -10.92 3.59 -14.67
S SO4 H . -8.85 -0.31 -21.21
O1 SO4 H . -8.63 -0.66 -19.82
O2 SO4 H . -10.14 0.39 -21.32
O3 SO4 H . -7.77 0.59 -21.65
O4 SO4 H . -8.88 -1.53 -22.02
S SO4 I . -3.86 18.42 -26.72
O1 SO4 I . -2.54 17.83 -26.98
O2 SO4 I . -4.60 17.54 -25.79
O3 SO4 I . -3.68 19.74 -26.12
O4 SO4 I . -4.58 18.59 -27.98
S SO4 J . -25.62 -6.82 0.59
O1 SO4 J . -24.33 -6.82 -0.11
O2 SO4 J . -25.43 -7.40 1.93
O3 SO4 J . -26.11 -5.44 0.74
O4 SO4 J . -26.60 -7.59 -0.18
#